data_8C23
#
_entry.id   8C23
#
_cell.length_a   127.461
_cell.length_b   149.649
_cell.length_c   105.130
_cell.angle_alpha   90.000
_cell.angle_beta   126.718
_cell.angle_gamma   90.000
#
_symmetry.space_group_name_H-M   'C 1 2 1'
#
loop_
_entity.id
_entity.type
_entity.pdbx_description
1 polymer 'Isoaspartyl peptidase subunit alpha'
2 polymer 'Isoaspartyl peptidase subunit beta'
3 non-polymer 'SODIUM ION'
4 non-polymer GLYCINE
5 non-polymer 1,2-ETHANEDIOL
6 non-polymer 'CHLORIDE ION'
7 non-polymer GLYCEROL
8 water water
#
loop_
_entity_poly.entity_id
_entity_poly.type
_entity_poly.pdbx_seq_one_letter_code
_entity_poly.pdbx_strand_id
1 'polypeptide(L)'
;MGKAVIAIHGGAGAISRAQMSLQQELRYIEALSAIVETGQKMLEAGESALDVVTEAVRLLEECPLFNAGIGAVFTRDETH
ELDACVMDGNTLKAGAVAGVSHLRNPVLAARLVMEQSPHVMMIGEGAENFAFARGMERVSPEIFSTSLRYEQLLAARKEG
ATVLDHSGAPLDEKQKMG
;
AAA,CCC,EEE,GGG
2 'polypeptide(L)'
;TVGAVALDLDGNLAAATSTGGTTNKLPGRVGDSPLVGAGCYANNASVAVSCTGTGEVFIRALAAYDIAALMDYGGLSLAE
ACERVVMEKLPALGGSGGLIAIDHEGNVALPFNTEGMYRAWGYAGDTPTTGIYREKGDTVATQ
;
BBB,DDD,FFF,HHH
#
# COMPACT_ATOMS: atom_id res chain seq x y z
N LYS A 3 20.97 14.20 19.95
CA LYS A 3 21.53 15.17 18.94
C LYS A 3 20.86 14.93 17.57
N ALA A 4 19.55 14.68 17.57
CA ALA A 4 18.71 14.52 16.36
C ALA A 4 18.73 15.81 15.53
N VAL A 5 18.79 15.69 14.20
CA VAL A 5 18.85 16.88 13.33
C VAL A 5 18.39 16.47 11.91
N ILE A 6 17.85 17.45 11.21
CA ILE A 6 17.39 17.32 9.81
C ILE A 6 17.99 18.46 9.01
N ALA A 7 18.30 18.14 7.75
CA ALA A 7 18.58 19.13 6.69
C ALA A 7 17.76 18.73 5.44
N ILE A 8 17.36 19.74 4.68
CA ILE A 8 16.61 19.56 3.42
C ILE A 8 17.23 20.48 2.37
N HIS A 9 16.97 20.13 1.10
CA HIS A 9 17.29 21.01 -0.04
C HIS A 9 16.17 20.94 -1.07
N GLY A 10 16.05 22.01 -1.83
CA GLY A 10 15.11 22.14 -2.93
C GLY A 10 15.80 22.44 -4.24
N GLY A 11 17.09 22.13 -4.38
CA GLY A 11 17.78 22.37 -5.65
C GLY A 11 18.87 23.43 -5.57
N ALA A 12 20.01 23.13 -6.20
CA ALA A 12 21.18 24.02 -6.36
C ALA A 12 21.23 24.47 -7.81
N GLY A 13 21.53 25.75 -8.03
CA GLY A 13 21.67 26.27 -9.40
C GLY A 13 21.85 27.77 -9.44
N ALA A 14 21.58 28.30 -10.64
CA ALA A 14 21.74 29.72 -11.06
C ALA A 14 20.56 30.54 -10.52
N ILE A 15 20.36 30.53 -9.20
CA ILE A 15 19.38 31.40 -8.52
C ILE A 15 20.07 32.76 -8.47
N SER A 16 19.66 33.68 -9.34
CA SER A 16 20.26 35.04 -9.46
C SER A 16 19.36 36.03 -8.73
N ARG A 17 19.94 36.87 -7.86
CA ARG A 17 19.21 37.87 -7.05
C ARG A 17 18.52 38.87 -7.99
N ALA A 18 19.23 39.34 -9.02
CA ALA A 18 18.75 40.35 -9.99
C ALA A 18 17.58 39.79 -10.83
N GLN A 19 17.32 38.48 -10.75
CA GLN A 19 16.31 37.76 -11.58
C GLN A 19 15.13 37.29 -10.72
N MET A 20 15.26 37.33 -9.39
CA MET A 20 14.21 36.92 -8.43
C MET A 20 13.47 38.16 -7.90
N SER A 21 12.17 38.03 -7.56
CA SER A 21 11.38 39.01 -6.78
C SER A 21 11.47 38.66 -5.29
N LEU A 22 11.30 39.66 -4.41
CA LEU A 22 11.30 39.42 -2.95
C LEU A 22 10.14 38.44 -2.63
N GLN A 23 8.98 38.64 -3.25
CA GLN A 23 7.76 37.86 -2.96
C GLN A 23 8.07 36.38 -3.25
N GLN A 24 8.80 36.09 -4.33
CA GLN A 24 9.23 34.70 -4.68
C GLN A 24 10.14 34.18 -3.58
N GLU A 25 11.12 34.98 -3.16
CA GLU A 25 12.11 34.58 -2.12
C GLU A 25 11.37 34.21 -0.83
N LEU A 26 10.34 34.99 -0.47
CA LEU A 26 9.57 34.79 0.78
C LEU A 26 8.80 33.46 0.70
N ARG A 27 8.19 33.15 -0.46
CA ARG A 27 7.45 31.87 -0.67
C ARG A 27 8.39 30.65 -0.47
N TYR A 28 9.60 30.73 -0.99
CA TYR A 28 10.66 29.69 -0.83
C TYR A 28 11.01 29.54 0.66
N ILE A 29 11.29 30.67 1.31
CA ILE A 29 11.68 30.67 2.75
C ILE A 29 10.56 30.03 3.57
N GLU A 30 9.32 30.42 3.30
CA GLU A 30 8.15 29.88 4.04
C GLU A 30 8.07 28.37 3.78
N ALA A 31 8.18 27.93 2.51
CA ALA A 31 8.01 26.49 2.19
C ALA A 31 9.10 25.69 2.91
N LEU A 32 10.35 26.18 2.84
CA LEU A 32 11.51 25.51 3.48
C LEU A 32 11.33 25.47 4.99
N SER A 33 10.90 26.57 5.60
CA SER A 33 10.77 26.64 7.09
C SER A 33 9.62 25.73 7.55
N ALA A 34 8.48 25.74 6.86
CA ALA A 34 7.34 24.86 7.19
C ALA A 34 7.77 23.37 7.14
N ILE A 35 8.54 22.92 6.14
CA ILE A 35 8.88 21.49 5.95
C ILE A 35 9.97 21.07 6.97
N VAL A 36 11.01 21.88 7.13
CA VAL A 36 12.08 21.58 8.12
C VAL A 36 11.46 21.51 9.54
N GLU A 37 10.51 22.38 9.88
CA GLU A 37 9.86 22.36 11.24
C GLU A 37 9.09 21.06 11.41
N THR A 38 8.41 20.59 10.36
CA THR A 38 7.66 19.30 10.43
C THR A 38 8.68 18.18 10.76
N GLY A 39 9.83 18.17 10.11
CA GLY A 39 10.86 17.16 10.33
C GLY A 39 11.38 17.19 11.77
N GLN A 40 11.71 18.38 12.25
CA GLN A 40 12.17 18.63 13.65
C GLN A 40 11.18 18.08 14.66
N LYS A 41 9.90 18.42 14.52
CA LYS A 41 8.80 17.93 15.38
C LYS A 41 8.73 16.40 15.32
N MET A 42 8.79 15.79 14.14
CA MET A 42 8.81 14.31 14.07
C MET A 42 10.04 13.76 14.83
N LEU A 43 11.21 14.36 14.63
CA LEU A 43 12.44 13.82 15.25
C LEU A 43 12.29 13.92 16.78
N GLU A 44 11.86 15.09 17.26
CA GLU A 44 11.61 15.35 18.71
C GLU A 44 10.65 14.31 19.28
N ALA A 45 9.64 13.87 18.53
CA ALA A 45 8.65 12.88 19.02
C ALA A 45 9.20 11.46 18.89
N GLY A 46 10.49 11.29 18.52
CA GLY A 46 11.12 9.97 18.36
C GLY A 46 10.76 9.24 17.09
N GLU A 47 10.29 9.93 16.04
CA GLU A 47 10.14 9.29 14.69
C GLU A 47 11.50 8.85 14.13
N SER A 48 11.50 7.75 13.36
CA SER A 48 12.74 7.21 12.72
C SER A 48 13.27 8.20 11.68
N ALA A 49 14.60 8.21 11.45
CA ALA A 49 15.26 9.06 10.43
C ALA A 49 14.65 8.71 9.07
N LEU A 50 14.28 7.44 8.87
CA LEU A 50 13.70 6.97 7.58
C LEU A 50 12.34 7.61 7.37
N ASP A 51 11.48 7.59 8.40
CA ASP A 51 10.14 8.22 8.30
C ASP A 51 10.29 9.72 8.09
N VAL A 52 11.29 10.33 8.73
CA VAL A 52 11.46 11.81 8.65
C VAL A 52 11.85 12.24 7.24
N VAL A 53 12.86 11.61 6.64
CA VAL A 53 13.36 12.01 5.28
C VAL A 53 12.25 11.70 4.26
N THR A 54 11.56 10.58 4.42
CA THR A 54 10.42 10.17 3.56
C THR A 54 9.36 11.27 3.57
N GLU A 55 8.94 11.72 4.77
CA GLU A 55 7.89 12.77 4.91
C GLU A 55 8.38 14.12 4.37
N ALA A 56 9.61 14.53 4.68
CA ALA A 56 10.11 15.82 4.20
C ALA A 56 10.15 15.81 2.65
N VAL A 57 10.59 14.71 2.02
CA VAL A 57 10.72 14.71 0.53
C VAL A 57 9.31 14.66 -0.01
N ARG A 58 8.41 13.94 0.65
CA ARG A 58 7.00 13.91 0.18
C ARG A 58 6.47 15.34 0.17
N LEU A 59 6.82 16.16 1.17
CA LEU A 59 6.28 17.54 1.23
C LEU A 59 6.93 18.40 0.16
N LEU A 60 8.22 18.20 -0.08
CA LEU A 60 8.95 18.93 -1.16
C LEU A 60 8.42 18.54 -2.56
N GLU A 61 8.08 17.27 -2.75
CA GLU A 61 7.32 16.79 -3.96
C GLU A 61 6.02 17.58 -4.11
N GLU A 62 5.20 17.58 -3.07
CA GLU A 62 3.85 18.21 -3.10
C GLU A 62 3.96 19.71 -3.39
N CYS A 63 5.03 20.36 -2.96
CA CYS A 63 5.21 21.83 -3.13
C CYS A 63 5.54 22.19 -4.57
N PRO A 64 4.69 22.95 -5.31
CA PRO A 64 4.92 23.19 -6.73
C PRO A 64 6.14 24.06 -7.04
N LEU A 65 6.78 24.63 -6.02
CA LEU A 65 7.96 25.53 -6.20
C LEU A 65 9.21 24.71 -6.52
N PHE A 66 9.20 23.42 -6.20
CA PHE A 66 10.41 22.59 -6.29
C PHE A 66 10.23 21.53 -7.37
N ASN A 67 11.31 21.30 -8.10
CA ASN A 67 11.43 20.36 -9.23
C ASN A 67 11.53 18.92 -8.72
N ALA A 68 10.39 18.38 -8.28
CA ALA A 68 10.16 17.00 -7.84
C ALA A 68 8.65 16.88 -7.68
N GLY A 69 8.07 15.73 -8.00
CA GLY A 69 6.62 15.61 -7.96
C GLY A 69 5.94 16.81 -8.64
N ILE A 70 4.97 17.42 -7.99
CA ILE A 70 4.22 18.59 -8.55
C ILE A 70 5.19 19.75 -8.70
N GLY A 71 5.28 20.29 -9.91
CA GLY A 71 6.32 21.29 -10.25
C GLY A 71 7.52 20.69 -10.94
N ALA A 72 7.47 19.44 -11.35
CA ALA A 72 8.58 18.79 -12.11
C ALA A 72 8.78 19.52 -13.43
N VAL A 73 10.04 19.64 -13.84
CA VAL A 73 10.44 20.16 -15.16
C VAL A 73 9.89 19.22 -16.25
N PHE A 74 9.81 19.76 -17.45
CA PHE A 74 9.41 19.04 -18.68
C PHE A 74 10.63 18.52 -19.42
N THR A 75 10.49 17.32 -19.94
CA THR A 75 11.37 16.72 -20.96
C THR A 75 11.25 17.46 -22.30
N ARG A 76 12.14 17.11 -23.21
CA ARG A 76 12.17 17.53 -24.63
C ARG A 76 10.79 17.31 -25.23
N ASP A 77 10.03 16.32 -24.75
CA ASP A 77 8.74 15.97 -25.40
C ASP A 77 7.58 16.53 -24.60
N GLU A 78 7.81 17.51 -23.70
CA GLU A 78 6.72 18.09 -22.88
C GLU A 78 6.05 17.00 -22.04
N THR A 79 6.82 16.03 -21.50
CA THR A 79 6.36 15.02 -20.55
C THR A 79 7.09 15.25 -19.21
N HIS A 80 6.67 14.51 -18.20
CA HIS A 80 7.38 14.47 -16.90
C HIS A 80 7.88 13.04 -16.69
N GLU A 81 9.14 12.90 -16.33
CA GLU A 81 9.75 11.61 -15.93
C GLU A 81 10.42 11.84 -14.60
N LEU A 82 9.98 11.15 -13.55
CA LEU A 82 10.39 11.44 -12.16
C LEU A 82 11.27 10.30 -11.65
N ASP A 83 12.20 10.63 -10.73
CA ASP A 83 13.15 9.68 -10.14
C ASP A 83 13.26 10.00 -8.64
N ALA A 84 13.48 8.99 -7.81
CA ALA A 84 13.64 9.14 -6.34
C ALA A 84 14.43 7.95 -5.77
N CYS A 85 15.05 8.19 -4.61
CA CYS A 85 15.79 7.17 -3.86
C CYS A 85 15.56 7.45 -2.38
N VAL A 86 15.58 6.39 -1.59
CA VAL A 86 15.63 6.46 -0.11
C VAL A 86 16.63 5.39 0.33
N MET A 87 17.40 5.70 1.37
CA MET A 87 18.34 4.76 1.95
C MET A 87 18.31 4.88 3.49
N ASP A 88 18.28 3.71 4.11
CA ASP A 88 18.21 3.48 5.57
C ASP A 88 19.63 3.15 6.03
N GLY A 89 20.26 4.05 6.75
CA GLY A 89 21.66 3.85 7.20
C GLY A 89 21.83 2.73 8.22
N ASN A 90 20.75 2.21 8.77
CA ASN A 90 20.80 1.21 9.88
C ASN A 90 20.94 -0.19 9.24
N THR A 91 20.22 -0.44 8.15
CA THR A 91 20.18 -1.73 7.43
C THR A 91 20.99 -1.64 6.13
N LEU A 92 21.34 -0.44 5.68
CA LEU A 92 21.88 -0.17 4.34
C LEU A 92 20.91 -0.66 3.26
N LYS A 93 19.64 -0.75 3.57
CA LYS A 93 18.65 -1.07 2.51
C LYS A 93 18.36 0.24 1.77
N ALA A 94 17.91 0.11 0.54
CA ALA A 94 17.63 1.27 -0.29
C ALA A 94 16.51 0.90 -1.26
N GLY A 95 15.79 1.90 -1.71
CA GLY A 95 14.77 1.70 -2.75
C GLY A 95 14.79 2.87 -3.66
N ALA A 96 14.62 2.64 -4.96
CA ALA A 96 14.66 3.73 -5.95
C ALA A 96 13.69 3.41 -7.09
N VAL A 97 13.17 4.48 -7.68
CA VAL A 97 12.42 4.44 -8.96
C VAL A 97 12.99 5.47 -9.90
N ALA A 98 12.96 5.19 -11.20
CA ALA A 98 13.37 6.17 -12.21
C ALA A 98 12.42 6.05 -13.40
N GLY A 99 12.15 7.21 -14.02
CA GLY A 99 11.38 7.26 -15.27
C GLY A 99 9.93 6.95 -14.99
N VAL A 100 9.41 7.40 -13.84
CA VAL A 100 7.95 7.19 -13.55
C VAL A 100 7.16 8.46 -13.82
N SER A 101 5.96 8.28 -14.38
CA SER A 101 5.07 9.36 -14.89
C SER A 101 3.69 9.28 -14.24
N HIS A 102 3.32 8.15 -13.65
CA HIS A 102 1.92 7.90 -13.20
C HIS A 102 1.85 7.68 -11.68
N LEU A 103 2.86 8.10 -10.92
CA LEU A 103 2.89 8.02 -9.43
C LEU A 103 3.06 9.42 -8.87
N ARG A 104 2.15 9.84 -8.01
CA ARG A 104 2.10 11.21 -7.45
C ARG A 104 3.36 11.51 -6.64
N ASN A 105 3.82 10.53 -5.88
CA ASN A 105 4.96 10.72 -4.95
C ASN A 105 6.01 9.63 -5.18
N PRO A 106 7.00 9.89 -6.07
CA PRO A 106 8.09 8.96 -6.28
C PRO A 106 8.76 8.47 -4.99
N VAL A 107 8.97 9.35 -4.00
CA VAL A 107 9.72 8.92 -2.79
C VAL A 107 8.92 7.82 -2.08
N LEU A 108 7.60 7.85 -2.15
CA LEU A 108 6.81 6.79 -1.51
C LEU A 108 6.92 5.50 -2.29
N ALA A 109 7.04 5.56 -3.61
CA ALA A 109 7.24 4.36 -4.44
C ALA A 109 8.62 3.78 -4.16
N ALA A 110 9.61 4.65 -4.02
CA ALA A 110 11.00 4.26 -3.73
C ALA A 110 11.03 3.46 -2.41
N ARG A 111 10.34 3.98 -1.43
CA ARG A 111 10.22 3.33 -0.11
C ARG A 111 9.49 1.97 -0.23
N LEU A 112 8.44 1.86 -1.05
CA LEU A 112 7.74 0.59 -1.32
C LEU A 112 8.68 -0.44 -1.98
N VAL A 113 9.54 -0.02 -2.89
CA VAL A 113 10.54 -0.90 -3.55
C VAL A 113 11.48 -1.43 -2.45
N MET A 114 11.98 -0.55 -1.60
CA MET A 114 12.87 -0.94 -0.50
C MET A 114 12.19 -2.02 0.37
N GLU A 115 10.96 -1.77 0.84
CA GLU A 115 10.28 -2.58 1.89
C GLU A 115 9.56 -3.81 1.33
N GLN A 116 8.95 -3.75 0.14
CA GLN A 116 8.04 -4.81 -0.31
C GLN A 116 8.53 -5.46 -1.59
N SER A 117 9.78 -5.21 -2.00
CA SER A 117 10.38 -5.97 -3.12
C SER A 117 11.69 -6.57 -2.64
N PRO A 118 12.24 -7.59 -3.31
CA PRO A 118 13.62 -7.99 -3.07
C PRO A 118 14.59 -7.16 -3.95
N HIS A 119 14.14 -6.03 -4.52
CA HIS A 119 14.98 -5.19 -5.41
C HIS A 119 15.31 -3.87 -4.74
N VAL A 120 16.27 -3.16 -5.31
CA VAL A 120 16.69 -1.80 -4.87
C VAL A 120 16.15 -0.78 -5.86
N MET A 121 16.15 -1.12 -7.15
CA MET A 121 15.77 -0.13 -8.18
C MET A 121 14.78 -0.72 -9.17
N MET A 122 13.70 0.03 -9.40
CA MET A 122 12.65 -0.31 -10.39
CA MET A 122 12.70 -0.31 -10.43
C MET A 122 12.44 0.89 -11.32
N ILE A 123 12.17 0.63 -12.59
CA ILE A 123 12.01 1.70 -13.60
C ILE A 123 10.70 1.59 -14.34
N GLY A 124 10.18 2.76 -14.72
CA GLY A 124 9.20 2.92 -15.79
C GLY A 124 7.93 2.17 -15.45
N GLU A 125 7.32 1.57 -16.45
CA GLU A 125 6.01 0.89 -16.30
C GLU A 125 6.11 -0.26 -15.29
N GLY A 126 7.22 -0.97 -15.22
CA GLY A 126 7.40 -2.08 -14.25
C GLY A 126 7.29 -1.56 -12.83
N ALA A 127 7.94 -0.44 -12.52
CA ALA A 127 7.87 0.23 -11.20
C ALA A 127 6.43 0.64 -10.90
N GLU A 128 5.77 1.27 -11.86
CA GLU A 128 4.36 1.69 -11.76
C GLU A 128 3.44 0.50 -11.47
N ASN A 129 3.55 -0.60 -12.20
CA ASN A 129 2.67 -1.78 -12.05
C ASN A 129 2.88 -2.40 -10.67
N PHE A 130 4.12 -2.45 -10.25
CA PHE A 130 4.50 -2.96 -8.89
C PHE A 130 3.80 -2.12 -7.82
N ALA A 131 3.85 -0.80 -7.95
CA ALA A 131 3.23 0.13 -6.97
C ALA A 131 1.68 0.05 -7.04
N PHE A 132 1.10 -0.05 -8.24
CA PHE A 132 -0.38 -0.09 -8.41
C PHE A 132 -0.93 -1.40 -7.85
N ALA A 133 -0.21 -2.50 -8.01
CA ALA A 133 -0.61 -3.81 -7.47
C ALA A 133 -0.72 -3.75 -5.93
N ARG A 134 -0.01 -2.81 -5.27
CA ARG A 134 0.02 -2.66 -3.79
C ARG A 134 -0.80 -1.43 -3.39
N GLY A 135 -1.62 -0.92 -4.29
CA GLY A 135 -2.69 0.02 -3.95
C GLY A 135 -2.30 1.48 -4.10
N MET A 136 -1.10 1.80 -4.58
N MET A 136 -1.11 1.81 -4.61
CA MET A 136 -0.75 3.21 -4.92
CA MET A 136 -0.74 3.23 -4.87
C MET A 136 -1.70 3.65 -6.05
C MET A 136 -1.51 3.72 -6.11
N GLU A 137 -2.08 4.92 -6.02
CA GLU A 137 -3.02 5.47 -7.04
C GLU A 137 -2.27 5.76 -8.35
N ARG A 138 -2.83 5.35 -9.46
CA ARG A 138 -2.38 5.74 -10.81
C ARG A 138 -2.87 7.17 -11.10
N VAL A 139 -2.00 8.11 -11.44
CA VAL A 139 -2.37 9.54 -11.72
C VAL A 139 -2.04 9.85 -13.17
N SER A 140 -2.64 10.91 -13.71
CA SER A 140 -2.22 11.50 -15.01
C SER A 140 -0.97 12.32 -14.79
N PRO A 141 0.08 12.29 -15.66
CA PRO A 141 1.25 13.15 -15.46
C PRO A 141 0.97 14.63 -15.66
N GLU A 142 -0.21 14.99 -16.17
N GLU A 142 -0.22 14.96 -16.20
CA GLU A 142 -0.62 16.43 -16.24
CA GLU A 142 -0.77 16.35 -16.25
C GLU A 142 -0.68 17.02 -14.83
C GLU A 142 -0.68 16.99 -14.86
N ILE A 143 -0.85 16.22 -13.78
CA ILE A 143 -0.97 16.81 -12.40
C ILE A 143 0.33 17.52 -12.01
N PHE A 144 1.45 17.20 -12.65
CA PHE A 144 2.77 17.73 -12.24
C PHE A 144 3.02 19.06 -12.93
N SER A 145 2.26 19.38 -13.98
CA SER A 145 2.58 20.44 -14.95
C SER A 145 2.30 21.80 -14.31
N THR A 146 3.24 22.74 -14.45
CA THR A 146 3.08 24.14 -13.94
C THR A 146 3.44 25.09 -15.07
N SER A 147 2.76 26.24 -15.19
CA SER A 147 3.08 27.20 -16.27
C SER A 147 4.49 27.76 -16.03
N LEU A 148 5.00 27.85 -14.80
CA LEU A 148 6.40 28.33 -14.62
C LEU A 148 7.39 27.40 -15.34
N ARG A 149 7.33 26.08 -15.11
CA ARG A 149 8.29 25.12 -15.70
C ARG A 149 8.05 25.06 -17.22
N TYR A 150 6.83 25.24 -17.68
CA TYR A 150 6.55 25.26 -19.14
C TYR A 150 7.27 26.45 -19.76
N GLU A 151 7.14 27.64 -19.19
N GLU A 151 7.09 27.63 -19.16
CA GLU A 151 7.83 28.83 -19.75
CA GLU A 151 7.80 28.86 -19.58
C GLU A 151 9.36 28.58 -19.71
C GLU A 151 9.30 28.51 -19.73
N GLN A 152 9.85 27.78 -18.73
CA GLN A 152 11.30 27.43 -18.70
C GLN A 152 11.65 26.51 -19.88
N LEU A 153 10.74 25.60 -20.24
CA LEU A 153 10.98 24.69 -21.39
C LEU A 153 11.05 25.57 -22.66
N LEU A 154 10.11 26.48 -22.89
CA LEU A 154 10.18 27.39 -24.08
C LEU A 154 11.49 28.18 -24.11
N ALA A 155 11.91 28.77 -22.99
CA ALA A 155 13.17 29.55 -22.88
C ALA A 155 14.35 28.65 -23.27
N ALA A 156 14.39 27.41 -22.78
CA ALA A 156 15.48 26.46 -23.09
C ALA A 156 15.49 26.15 -24.60
N ARG A 157 14.32 25.96 -25.21
CA ARG A 157 14.23 25.70 -26.67
C ARG A 157 14.75 26.92 -27.48
N LYS A 158 14.37 28.15 -27.13
CA LYS A 158 14.84 29.39 -27.81
C LYS A 158 16.37 29.45 -27.75
N GLU A 159 16.96 29.04 -26.62
CA GLU A 159 18.44 29.09 -26.37
C GLU A 159 19.18 28.39 -27.51
N GLY A 160 18.68 27.23 -27.97
CA GLY A 160 19.19 26.48 -29.13
C GLY A 160 18.08 26.14 -30.13
N THR B 1 15.25 19.06 -8.25
CA THR B 1 15.71 18.07 -7.28
C THR B 1 15.45 18.60 -5.87
N VAL B 2 15.01 17.73 -4.97
CA VAL B 2 14.81 18.00 -3.53
C VAL B 2 15.41 16.84 -2.74
N GLY B 3 15.62 17.04 -1.46
CA GLY B 3 16.14 15.93 -0.66
C GLY B 3 16.16 16.26 0.77
N ALA B 4 16.44 15.23 1.57
CA ALA B 4 16.43 15.35 3.04
C ALA B 4 17.43 14.34 3.60
N VAL B 5 18.05 14.73 4.71
CA VAL B 5 18.89 13.79 5.48
C VAL B 5 18.50 14.03 6.93
N ALA B 6 18.63 13.01 7.76
CA ALA B 6 18.27 13.11 9.19
C ALA B 6 19.07 12.12 10.02
N LEU B 7 19.34 12.54 11.26
CA LEU B 7 19.82 11.70 12.39
C LEU B 7 18.73 11.69 13.46
N ASP B 8 18.18 10.52 13.78
CA ASP B 8 17.10 10.34 14.78
C ASP B 8 17.71 10.13 16.18
N LEU B 9 16.85 10.07 17.17
CA LEU B 9 17.25 10.05 18.60
C LEU B 9 17.91 8.71 18.92
N ASP B 10 17.65 7.68 18.09
CA ASP B 10 18.21 6.31 18.24
C ASP B 10 19.55 6.17 17.49
N GLY B 11 20.09 7.26 16.94
CA GLY B 11 21.41 7.30 16.27
C GLY B 11 21.34 6.84 14.81
N ASN B 12 20.15 6.70 14.25
CA ASN B 12 20.03 6.19 12.86
C ASN B 12 20.09 7.36 11.87
N LEU B 13 20.78 7.13 10.74
CA LEU B 13 20.90 8.08 9.61
C LEU B 13 20.03 7.57 8.45
N ALA B 14 19.41 8.49 7.73
CA ALA B 14 18.67 8.17 6.49
C ALA B 14 18.76 9.33 5.52
N ALA B 15 18.61 9.04 4.22
CA ALA B 15 18.61 10.05 3.15
C ALA B 15 17.52 9.71 2.15
N ALA B 16 17.02 10.77 1.49
CA ALA B 16 16.05 10.60 0.41
C ALA B 16 16.23 11.76 -0.56
N THR B 17 15.96 11.50 -1.84
CA THR B 17 16.18 12.43 -2.95
C THR B 17 15.05 12.19 -3.95
N SER B 18 14.50 13.26 -4.53
CA SER B 18 13.46 13.16 -5.59
C SER B 18 13.71 14.26 -6.63
N THR B 19 13.39 14.00 -7.90
CA THR B 19 13.61 14.99 -8.98
C THR B 19 12.64 14.79 -10.11
N GLY B 20 12.43 15.85 -10.90
CA GLY B 20 11.86 15.74 -12.25
C GLY B 20 12.92 15.76 -13.31
N GLY B 21 14.18 15.87 -12.94
CA GLY B 21 15.32 15.84 -13.87
C GLY B 21 15.67 17.27 -14.33
N THR B 22 16.00 17.45 -15.62
CA THR B 22 16.46 18.73 -16.18
C THR B 22 15.48 19.19 -17.27
N THR B 23 15.26 20.48 -17.35
CA THR B 23 14.39 21.09 -18.38
C THR B 23 14.92 20.63 -19.73
N ASN B 24 14.02 20.11 -20.57
CA ASN B 24 14.33 19.76 -21.97
C ASN B 24 15.17 18.51 -22.04
N LYS B 25 15.20 17.72 -20.97
CA LYS B 25 15.85 16.40 -20.94
C LYS B 25 15.44 15.48 -22.10
N LEU B 26 16.40 14.73 -22.65
CA LEU B 26 16.10 13.57 -23.52
C LEU B 26 15.31 12.57 -22.71
N PRO B 27 14.14 12.16 -23.22
CA PRO B 27 13.36 11.12 -22.58
C PRO B 27 14.22 9.86 -22.33
N GLY B 28 14.13 9.29 -21.13
CA GLY B 28 14.91 8.10 -20.74
C GLY B 28 16.21 8.43 -20.05
N ARG B 29 16.61 9.71 -20.00
CA ARG B 29 17.83 10.12 -19.31
C ARG B 29 17.63 9.98 -17.79
N VAL B 30 18.66 9.46 -17.08
CA VAL B 30 18.62 9.26 -15.62
C VAL B 30 19.83 10.02 -15.06
N GLY B 31 19.57 10.85 -14.06
CA GLY B 31 20.57 11.60 -13.34
C GLY B 31 21.02 10.84 -12.11
N ASP B 32 21.65 11.55 -11.20
CA ASP B 32 22.26 10.97 -9.98
C ASP B 32 21.17 10.63 -8.93
N SER B 33 19.99 11.25 -9.01
CA SER B 33 19.00 11.29 -7.91
C SER B 33 18.59 9.89 -7.46
N PRO B 34 18.28 8.94 -8.36
CA PRO B 34 17.80 7.64 -7.91
C PRO B 34 18.94 6.63 -7.79
N LEU B 35 20.20 7.05 -7.98
CA LEU B 35 21.34 6.08 -7.99
C LEU B 35 22.03 6.11 -6.64
N VAL B 36 21.95 4.98 -5.94
CA VAL B 36 22.62 4.81 -4.63
C VAL B 36 24.08 5.19 -4.82
N GLY B 37 24.59 6.02 -3.93
CA GLY B 37 25.99 6.45 -3.85
C GLY B 37 26.28 7.63 -4.76
N ALA B 38 25.39 7.96 -5.71
CA ALA B 38 25.55 9.10 -6.63
C ALA B 38 24.74 10.24 -6.04
N GLY B 39 23.42 10.13 -5.99
CA GLY B 39 22.56 11.24 -5.50
C GLY B 39 22.01 11.06 -4.10
N CYS B 40 22.23 9.92 -3.46
CA CYS B 40 21.60 9.54 -2.18
C CYS B 40 22.40 8.40 -1.56
N TYR B 41 22.79 8.53 -0.28
CA TYR B 41 23.55 7.47 0.42
C TYR B 41 23.31 7.69 1.92
N ALA B 42 23.16 6.61 2.67
CA ALA B 42 23.20 6.68 4.14
C ALA B 42 23.84 5.43 4.70
N ASN B 43 24.62 5.62 5.77
CA ASN B 43 25.32 4.52 6.48
C ASN B 43 25.52 5.02 7.92
N ASN B 44 24.99 4.28 8.90
CA ASN B 44 25.05 4.69 10.34
C ASN B 44 26.50 4.85 10.77
N ALA B 45 27.45 4.16 10.15
CA ALA B 45 28.89 4.23 10.49
C ALA B 45 29.53 5.51 9.98
N SER B 46 28.90 6.26 9.07
CA SER B 46 29.59 7.40 8.39
C SER B 46 28.65 8.59 8.25
N VAL B 47 27.80 8.61 7.23
CA VAL B 47 27.11 9.87 6.81
C VAL B 47 25.80 9.54 6.11
N ALA B 48 24.85 10.48 6.12
CA ALA B 48 23.70 10.53 5.18
C ALA B 48 23.92 11.69 4.21
N VAL B 49 23.66 11.47 2.91
CA VAL B 49 23.91 12.49 1.87
C VAL B 49 22.77 12.50 0.87
N SER B 50 22.35 13.72 0.50
CA SER B 50 21.44 13.98 -0.64
C SER B 50 22.03 15.08 -1.51
N CYS B 51 22.14 14.82 -2.81
CA CYS B 51 22.83 15.74 -3.76
C CYS B 51 21.82 16.47 -4.67
N THR B 52 22.33 17.50 -5.34
CA THR B 52 21.59 18.28 -6.35
C THR B 52 22.63 18.98 -7.24
N GLY B 53 22.47 18.86 -8.55
CA GLY B 53 23.27 19.55 -9.58
C GLY B 53 23.26 18.80 -10.88
N THR B 54 24.35 18.91 -11.64
CA THR B 54 24.55 18.29 -12.97
C THR B 54 24.73 16.78 -12.75
N GLY B 55 23.65 16.03 -12.92
CA GLY B 55 23.57 14.62 -12.49
C GLY B 55 24.69 13.78 -13.06
N GLU B 56 25.07 14.02 -14.32
CA GLU B 56 26.13 13.23 -15.00
C GLU B 56 27.42 13.23 -14.18
N VAL B 57 27.83 14.39 -13.66
CA VAL B 57 29.12 14.49 -12.94
C VAL B 57 29.00 13.82 -11.56
N PHE B 58 27.86 13.98 -10.89
CA PHE B 58 27.61 13.32 -9.59
C PHE B 58 27.64 11.78 -9.73
N ILE B 59 27.21 11.22 -10.85
CA ILE B 59 27.33 9.76 -11.14
C ILE B 59 28.80 9.41 -11.31
N ARG B 60 29.50 10.12 -12.21
CA ARG B 60 30.89 9.78 -12.62
C ARG B 60 31.82 9.82 -11.39
N ALA B 61 31.58 10.75 -10.48
CA ALA B 61 32.36 10.99 -9.24
C ALA B 61 31.77 10.24 -8.04
N LEU B 62 30.63 9.57 -8.19
CA LEU B 62 29.91 8.92 -7.05
C LEU B 62 29.92 9.85 -5.84
N ALA B 63 29.43 11.07 -6.00
CA ALA B 63 29.62 12.15 -5.01
C ALA B 63 29.16 11.74 -3.59
N ALA B 64 27.97 11.14 -3.44
CA ALA B 64 27.38 10.84 -2.12
C ALA B 64 28.23 9.76 -1.41
N TYR B 65 28.59 8.69 -2.11
CA TYR B 65 29.47 7.64 -1.53
C TYR B 65 30.86 8.22 -1.29
N ASP B 66 31.29 9.15 -2.14
CA ASP B 66 32.67 9.72 -2.01
C ASP B 66 32.81 10.43 -0.67
N ILE B 67 31.80 11.15 -0.20
CA ILE B 67 31.82 11.79 1.14
C ILE B 67 32.07 10.70 2.21
N ALA B 68 31.34 9.59 2.15
CA ALA B 68 31.39 8.49 3.13
C ALA B 68 32.79 7.87 3.13
N ALA B 69 33.33 7.57 1.94
CA ALA B 69 34.63 6.87 1.75
C ALA B 69 35.77 7.78 2.24
N LEU B 70 35.63 9.09 2.02
CA LEU B 70 36.63 10.11 2.39
C LEU B 70 36.73 10.17 3.91
N MET B 71 35.59 10.06 4.59
CA MET B 71 35.54 10.09 6.08
C MET B 71 36.02 8.74 6.61
N ASP B 72 35.40 7.66 6.15
CA ASP B 72 35.54 6.31 6.73
C ASP B 72 36.98 5.84 6.52
N TYR B 73 37.52 5.93 5.30
CA TYR B 73 38.85 5.39 4.94
C TYR B 73 39.89 6.51 4.98
N GLY B 74 39.55 7.72 4.55
CA GLY B 74 40.49 8.84 4.38
C GLY B 74 40.73 9.57 5.69
N GLY B 75 39.86 9.33 6.68
CA GLY B 75 39.90 9.99 7.99
C GLY B 75 39.51 11.45 7.91
N LEU B 76 39.01 11.94 6.76
CA LEU B 76 38.56 13.36 6.67
C LEU B 76 37.36 13.59 7.59
N SER B 77 37.24 14.80 8.13
CA SER B 77 36.00 15.27 8.79
C SER B 77 34.95 15.51 7.70
N LEU B 78 33.68 15.63 8.10
CA LEU B 78 32.56 16.01 7.21
C LEU B 78 32.92 17.28 6.43
N ALA B 79 33.31 18.36 7.12
CA ALA B 79 33.67 19.67 6.51
C ALA B 79 34.77 19.46 5.45
N GLU B 80 35.80 18.67 5.76
CA GLU B 80 36.93 18.46 4.81
C GLU B 80 36.43 17.61 3.62
N ALA B 81 35.66 16.56 3.89
CA ALA B 81 35.09 15.69 2.83
C ALA B 81 34.24 16.56 1.90
N CYS B 82 33.37 17.40 2.46
CA CYS B 82 32.44 18.26 1.69
C CYS B 82 33.23 19.25 0.82
N GLU B 83 34.23 19.89 1.41
CA GLU B 83 35.15 20.81 0.68
C GLU B 83 35.74 20.09 -0.54
N ARG B 84 36.36 18.93 -0.33
N ARG B 84 36.36 18.93 -0.33
CA ARG B 84 37.11 18.18 -1.40
CA ARG B 84 37.11 18.18 -1.39
C ARG B 84 36.14 17.79 -2.52
C ARG B 84 36.16 17.78 -2.52
N VAL B 85 34.98 17.23 -2.19
CA VAL B 85 34.02 16.77 -3.24
C VAL B 85 33.44 17.99 -3.98
N VAL B 86 32.83 18.92 -3.26
CA VAL B 86 31.92 19.94 -3.86
C VAL B 86 32.70 21.12 -4.46
N MET B 87 33.83 21.50 -3.84
CA MET B 87 34.61 22.69 -4.24
C MET B 87 35.83 22.30 -5.07
N GLU B 88 36.31 21.06 -5.05
CA GLU B 88 37.47 20.62 -5.87
C GLU B 88 37.07 19.55 -6.91
N LYS B 89 36.61 18.37 -6.48
CA LYS B 89 36.52 17.22 -7.42
C LYS B 89 35.42 17.48 -8.45
N LEU B 90 34.26 17.97 -8.04
CA LEU B 90 33.13 18.11 -8.99
C LEU B 90 33.44 19.22 -10.00
N PRO B 91 33.85 20.44 -9.58
CA PRO B 91 34.23 21.48 -10.54
C PRO B 91 35.31 21.02 -11.54
N ALA B 92 36.30 20.25 -11.09
CA ALA B 92 37.37 19.67 -11.94
C ALA B 92 36.77 18.79 -13.05
N LEU B 93 35.59 18.19 -12.83
CA LEU B 93 34.93 17.35 -13.87
C LEU B 93 33.85 18.15 -14.60
N GLY B 94 33.74 19.44 -14.36
CA GLY B 94 32.72 20.29 -14.98
C GLY B 94 31.40 20.20 -14.24
N GLY B 95 31.42 19.83 -12.97
CA GLY B 95 30.22 19.62 -12.17
C GLY B 95 29.86 20.82 -11.34
N SER B 96 28.60 21.24 -11.40
CA SER B 96 28.07 22.32 -10.53
C SER B 96 26.88 21.78 -9.72
N GLY B 97 26.83 22.18 -8.46
CA GLY B 97 25.68 21.96 -7.58
C GLY B 97 26.11 21.90 -6.14
N GLY B 98 25.44 21.06 -5.36
CA GLY B 98 25.65 20.99 -3.91
C GLY B 98 25.10 19.70 -3.34
N LEU B 99 25.15 19.60 -2.03
CA LEU B 99 24.58 18.43 -1.32
C LEU B 99 24.36 18.84 0.14
N ILE B 100 23.57 18.03 0.85
CA ILE B 100 23.31 18.14 2.31
C ILE B 100 23.81 16.84 2.91
N ALA B 101 24.42 16.91 4.09
CA ALA B 101 25.07 15.75 4.71
C ALA B 101 24.99 15.88 6.25
N ILE B 102 24.67 14.80 6.93
CA ILE B 102 24.78 14.70 8.41
C ILE B 102 25.64 13.49 8.71
N ASP B 103 26.63 13.62 9.60
CA ASP B 103 27.49 12.46 9.96
C ASP B 103 26.95 11.86 11.25
N HIS B 104 27.50 10.71 11.63
CA HIS B 104 26.99 9.87 12.75
C HIS B 104 27.14 10.64 14.07
N GLU B 105 27.95 11.72 14.11
CA GLU B 105 28.16 12.58 15.31
C GLU B 105 27.17 13.75 15.33
N GLY B 106 26.29 13.88 14.33
CA GLY B 106 25.29 14.97 14.27
C GLY B 106 25.84 16.26 13.69
N ASN B 107 27.04 16.26 13.10
CA ASN B 107 27.50 17.42 12.31
C ASN B 107 26.66 17.48 11.02
N VAL B 108 26.43 18.71 10.57
CA VAL B 108 25.58 19.02 9.38
CA VAL B 108 25.58 19.03 9.38
C VAL B 108 26.38 19.95 8.47
N ALA B 109 26.28 19.74 7.17
CA ALA B 109 26.96 20.55 6.14
C ALA B 109 26.03 20.65 4.93
N LEU B 110 26.03 21.85 4.33
CA LEU B 110 25.19 22.17 3.15
C LEU B 110 26.08 22.86 2.11
N PRO B 111 27.15 22.19 1.62
CA PRO B 111 28.05 22.79 0.66
C PRO B 111 27.40 22.91 -0.73
N PHE B 112 27.75 23.97 -1.45
CA PHE B 112 27.34 24.18 -2.86
C PHE B 112 28.32 25.14 -3.53
N ASN B 113 28.62 24.89 -4.82
CA ASN B 113 29.58 25.70 -5.62
C ASN B 113 28.79 26.62 -6.57
N THR B 114 27.47 26.69 -6.42
CA THR B 114 26.56 27.48 -7.31
C THR B 114 26.21 28.80 -6.64
N GLU B 115 25.43 29.63 -7.32
CA GLU B 115 24.98 30.95 -6.84
C GLU B 115 24.06 30.72 -5.64
N GLY B 116 23.27 29.64 -5.70
CA GLY B 116 22.22 29.36 -4.71
C GLY B 116 21.97 27.87 -4.54
N MET B 117 21.41 27.53 -3.38
CA MET B 117 20.79 26.21 -3.10
C MET B 117 19.67 26.47 -2.10
N TYR B 118 18.43 26.17 -2.46
CA TYR B 118 17.28 26.21 -1.55
C TYR B 118 17.55 25.20 -0.42
N ARG B 119 17.56 25.62 0.84
CA ARG B 119 18.05 24.72 1.90
C ARG B 119 17.52 25.15 3.27
N ALA B 120 17.51 24.22 4.22
CA ALA B 120 17.14 24.48 5.61
C ALA B 120 17.67 23.35 6.46
N TRP B 121 17.84 23.63 7.75
CA TRP B 121 18.31 22.63 8.75
C TRP B 121 17.92 23.13 10.13
N GLY B 122 17.84 22.19 11.07
CA GLY B 122 17.58 22.47 12.49
C GLY B 122 17.81 21.23 13.33
N TYR B 123 18.30 21.44 14.54
CA TYR B 123 18.41 20.43 15.61
C TYR B 123 17.01 20.21 16.16
N ALA B 124 16.68 18.96 16.49
CA ALA B 124 15.49 18.66 17.31
C ALA B 124 15.54 19.61 18.53
N GLY B 125 14.45 20.35 18.75
CA GLY B 125 14.27 21.27 19.89
C GLY B 125 15.01 22.60 19.76
N ASP B 126 15.63 22.93 18.62
CA ASP B 126 16.19 24.29 18.38
C ASP B 126 15.41 24.94 17.25
N THR B 127 15.74 26.19 16.91
CA THR B 127 15.07 26.96 15.83
C THR B 127 15.72 26.63 14.49
N PRO B 128 14.92 26.45 13.42
CA PRO B 128 15.44 26.13 12.09
C PRO B 128 16.11 27.35 11.44
N THR B 129 17.02 27.07 10.50
CA THR B 129 17.67 28.08 9.63
C THR B 129 17.35 27.70 8.18
N THR B 130 16.93 28.68 7.38
CA THR B 130 16.63 28.54 5.94
C THR B 130 17.65 29.38 5.17
N GLY B 131 17.99 28.99 3.95
CA GLY B 131 18.91 29.75 3.09
C GLY B 131 18.50 29.66 1.63
N ILE B 132 18.83 30.69 0.85
CA ILE B 132 18.72 30.65 -0.64
C ILE B 132 20.10 30.88 -1.26
N TYR B 133 20.72 32.04 -0.98
CA TYR B 133 21.97 32.54 -1.61
C TYR B 133 23.16 32.13 -0.73
N ARG B 134 24.36 32.57 -1.09
CA ARG B 134 25.60 32.35 -0.29
C ARG B 134 25.51 33.17 1.00
N GLU B 135 26.21 32.72 2.03
CA GLU B 135 26.19 33.30 3.41
C GLU B 135 24.79 33.10 4.01
N LYS C 3 51.75 -2.67 -17.65
CA LYS C 3 51.92 -3.67 -18.74
C LYS C 3 50.53 -4.23 -19.13
N ALA C 4 50.21 -4.20 -20.42
CA ALA C 4 48.87 -4.47 -21.00
C ALA C 4 48.31 -5.82 -20.53
N VAL C 5 47.04 -5.83 -20.11
CA VAL C 5 46.39 -7.06 -19.60
C VAL C 5 44.85 -6.94 -19.71
N ILE C 6 44.17 -8.05 -19.92
CA ILE C 6 42.70 -8.13 -19.99
C ILE C 6 42.27 -9.23 -19.02
N ALA C 7 41.17 -9.02 -18.28
CA ALA C 7 40.40 -10.11 -17.66
C ALA C 7 38.96 -10.03 -18.16
N ILE C 8 38.29 -11.18 -18.25
CA ILE C 8 36.85 -11.28 -18.59
C ILE C 8 36.18 -12.18 -17.58
N HIS C 9 34.87 -12.05 -17.47
CA HIS C 9 34.02 -13.00 -16.73
C HIS C 9 32.73 -13.22 -17.49
N GLY C 10 32.12 -14.37 -17.22
CA GLY C 10 30.85 -14.83 -17.80
C GLY C 10 29.86 -15.19 -16.72
N GLY C 11 30.03 -14.66 -15.53
CA GLY C 11 29.04 -14.90 -14.45
C GLY C 11 29.60 -15.76 -13.33
N ALA C 12 29.26 -15.40 -12.09
CA ALA C 12 29.56 -16.15 -10.85
C ALA C 12 28.26 -16.75 -10.31
N GLY C 13 28.33 -17.94 -9.70
CA GLY C 13 27.16 -18.63 -9.13
C GLY C 13 27.45 -20.07 -8.75
N ALA C 14 26.39 -20.82 -8.45
CA ALA C 14 26.40 -22.26 -8.08
C ALA C 14 26.72 -23.09 -9.32
N ILE C 15 27.98 -23.48 -9.50
CA ILE C 15 28.40 -24.42 -10.57
C ILE C 15 29.07 -25.59 -9.85
N SER C 16 28.41 -26.75 -9.80
CA SER C 16 28.97 -27.98 -9.19
C SER C 16 29.60 -28.82 -10.31
N ARG C 17 30.85 -29.23 -10.12
CA ARG C 17 31.53 -30.15 -11.06
C ARG C 17 30.66 -31.41 -11.18
N ALA C 18 30.13 -31.86 -10.03
CA ALA C 18 29.29 -33.07 -9.83
C ALA C 18 28.21 -33.19 -10.92
N GLN C 19 27.54 -32.09 -11.27
CA GLN C 19 26.34 -32.07 -12.17
C GLN C 19 26.71 -31.61 -13.58
N MET C 20 27.98 -31.31 -13.84
CA MET C 20 28.50 -30.76 -15.12
C MET C 20 29.28 -31.84 -15.88
N SER C 21 28.97 -32.02 -17.16
CA SER C 21 29.71 -32.90 -18.10
C SER C 21 31.00 -32.19 -18.55
N LEU C 22 32.10 -32.92 -18.74
CA LEU C 22 33.36 -32.36 -19.27
C LEU C 22 33.10 -31.76 -20.67
N GLN C 23 32.30 -32.43 -21.49
CA GLN C 23 31.87 -31.92 -22.82
C GLN C 23 31.31 -30.51 -22.64
N GLN C 24 30.49 -30.30 -21.59
CA GLN C 24 29.88 -28.98 -21.27
C GLN C 24 30.96 -28.01 -20.78
N GLU C 25 31.87 -28.46 -19.92
CA GLU C 25 32.92 -27.56 -19.37
C GLU C 25 33.80 -27.05 -20.52
N LEU C 26 34.18 -27.92 -21.47
CA LEU C 26 35.10 -27.53 -22.58
C LEU C 26 34.41 -26.49 -23.48
N ARG C 27 33.07 -26.54 -23.61
CA ARG C 27 32.31 -25.48 -24.35
C ARG C 27 32.60 -24.11 -23.73
N TYR C 28 32.51 -23.98 -22.41
CA TYR C 28 32.75 -22.69 -21.69
C TYR C 28 34.22 -22.29 -21.80
N ILE C 29 35.12 -23.25 -21.64
CA ILE C 29 36.58 -22.94 -21.65
C ILE C 29 36.98 -22.40 -23.03
N GLU C 30 36.48 -23.06 -24.10
CA GLU C 30 36.81 -22.69 -25.51
C GLU C 30 36.26 -21.28 -25.78
N ALA C 31 35.00 -21.02 -25.40
CA ALA C 31 34.36 -19.69 -25.54
C ALA C 31 35.20 -18.63 -24.80
N LEU C 32 35.54 -18.88 -23.53
CA LEU C 32 36.33 -17.93 -22.72
C LEU C 32 37.72 -17.72 -23.34
N SER C 33 38.38 -18.80 -23.79
CA SER C 33 39.75 -18.71 -24.36
C SER C 33 39.71 -17.83 -25.60
N ALA C 34 38.76 -18.09 -26.50
CA ALA C 34 38.68 -17.38 -27.80
C ALA C 34 38.48 -15.87 -27.56
N ILE C 35 37.66 -15.50 -26.57
CA ILE C 35 37.35 -14.05 -26.31
C ILE C 35 38.56 -13.39 -25.65
N VAL C 36 39.13 -14.00 -24.62
CA VAL C 36 40.32 -13.40 -23.96
C VAL C 36 41.47 -13.27 -24.98
N GLU C 37 41.64 -14.21 -25.91
CA GLU C 37 42.75 -14.18 -26.92
C GLU C 37 42.48 -13.05 -27.92
N THR C 38 41.23 -12.84 -28.35
CA THR C 38 40.87 -11.67 -29.18
C THR C 38 41.27 -10.37 -28.45
N GLY C 39 40.94 -10.23 -27.17
CA GLY C 39 41.32 -9.05 -26.37
C GLY C 39 42.82 -8.89 -26.25
N GLN C 40 43.54 -9.97 -25.91
CA GLN C 40 45.03 -9.97 -25.81
C GLN C 40 45.65 -9.46 -27.12
N LYS C 41 45.17 -9.94 -28.28
CA LYS C 41 45.72 -9.59 -29.63
C LYS C 41 45.40 -8.13 -29.97
N MET C 42 44.26 -7.61 -29.54
CA MET C 42 43.90 -6.18 -29.73
C MET C 42 44.82 -5.30 -28.89
N LEU C 43 45.06 -5.70 -27.64
CA LEU C 43 45.93 -4.93 -26.72
C LEU C 43 47.37 -4.89 -27.27
N GLU C 44 47.93 -6.02 -27.67
CA GLU C 44 49.34 -6.05 -28.14
C GLU C 44 49.44 -5.21 -29.43
N ALA C 45 48.43 -5.29 -30.30
CA ALA C 45 48.31 -4.48 -31.54
C ALA C 45 48.06 -2.99 -31.24
N GLY C 46 48.08 -2.55 -29.98
CA GLY C 46 47.99 -1.12 -29.59
C GLY C 46 46.57 -0.56 -29.47
N GLU C 47 45.52 -1.39 -29.48
CA GLU C 47 44.10 -0.90 -29.41
C GLU C 47 43.81 -0.39 -27.99
N SER C 48 42.89 0.56 -27.82
CA SER C 48 42.57 1.18 -26.51
C SER C 48 41.93 0.16 -25.54
N ALA C 49 42.13 0.36 -24.25
CA ALA C 49 41.44 -0.40 -23.17
C ALA C 49 39.93 -0.33 -23.40
N LEU C 50 39.44 0.82 -23.83
CA LEU C 50 38.00 1.09 -24.04
C LEU C 50 37.47 0.21 -25.18
N ASP C 51 38.17 0.17 -26.33
CA ASP C 51 37.77 -0.67 -27.49
C ASP C 51 37.89 -2.16 -27.14
N VAL C 52 38.89 -2.56 -26.34
CA VAL C 52 39.10 -3.98 -25.93
C VAL C 52 37.93 -4.45 -25.04
N VAL C 53 37.57 -3.71 -23.99
CA VAL C 53 36.46 -4.16 -23.09
C VAL C 53 35.15 -4.11 -23.90
N THR C 54 34.98 -3.12 -24.80
CA THR C 54 33.74 -3.07 -25.59
C THR C 54 33.61 -4.36 -26.41
N GLU C 55 34.70 -4.76 -27.10
CA GLU C 55 34.65 -5.91 -28.04
C GLU C 55 34.50 -7.20 -27.22
N ALA C 56 35.20 -7.35 -26.10
CA ALA C 56 35.11 -8.59 -25.31
C ALA C 56 33.66 -8.75 -24.86
N VAL C 57 33.07 -7.68 -24.32
CA VAL C 57 31.68 -7.81 -23.80
C VAL C 57 30.72 -8.02 -24.96
N ARG C 58 30.94 -7.41 -26.13
CA ARG C 58 30.11 -7.70 -27.34
C ARG C 58 30.18 -9.21 -27.65
N LEU C 59 31.37 -9.79 -27.61
CA LEU C 59 31.52 -11.24 -27.92
C LEU C 59 30.85 -12.08 -26.83
N LEU C 60 30.92 -11.68 -25.56
CA LEU C 60 30.25 -12.41 -24.45
C LEU C 60 28.72 -12.30 -24.57
N GLU C 61 28.21 -11.14 -25.00
CA GLU C 61 26.77 -10.97 -25.33
C GLU C 61 26.40 -11.95 -26.42
N GLU C 62 27.18 -12.00 -27.49
CA GLU C 62 26.91 -12.84 -28.70
C GLU C 62 26.88 -14.31 -28.29
N CYS C 63 27.67 -14.69 -27.31
CA CYS C 63 27.83 -16.11 -26.90
C CYS C 63 26.59 -16.57 -26.13
N PRO C 64 25.79 -17.52 -26.64
CA PRO C 64 24.57 -17.93 -25.94
C PRO C 64 24.77 -18.62 -24.59
N LEU C 65 26.00 -18.96 -24.19
CA LEU C 65 26.30 -19.64 -22.90
C LEU C 65 26.21 -18.65 -21.74
N PHE C 66 26.33 -17.35 -22.01
CA PHE C 66 26.46 -16.33 -20.94
C PHE C 66 25.24 -15.41 -20.93
N ASN C 67 24.80 -15.03 -19.72
CA ASN C 67 23.60 -14.24 -19.38
C ASN C 67 23.90 -12.74 -19.65
N ALA C 68 23.89 -12.40 -20.92
CA ALA C 68 23.99 -11.05 -21.49
C ALA C 68 23.66 -11.24 -22.96
N GLY C 69 22.93 -10.32 -23.57
CA GLY C 69 22.61 -10.46 -24.99
C GLY C 69 21.96 -11.80 -25.25
N ILE C 70 22.41 -12.47 -26.30
CA ILE C 70 21.90 -13.82 -26.66
C ILE C 70 22.21 -14.71 -25.46
N GLY C 71 21.19 -15.31 -24.86
CA GLY C 71 21.38 -16.18 -23.69
C GLY C 71 20.99 -15.48 -22.40
N ALA C 72 20.44 -14.26 -22.52
CA ALA C 72 19.92 -13.52 -21.35
C ALA C 72 18.86 -14.38 -20.62
N VAL C 73 18.79 -14.23 -19.30
CA VAL C 73 17.67 -14.79 -18.48
C VAL C 73 16.32 -14.13 -18.81
N PHE C 74 15.26 -14.77 -18.34
CA PHE C 74 13.86 -14.31 -18.45
C PHE C 74 13.43 -13.58 -17.17
N THR C 75 12.61 -12.55 -17.34
CA THR C 75 11.82 -11.92 -16.25
C THR C 75 10.70 -12.87 -15.83
N ARG C 76 10.06 -12.53 -14.71
CA ARG C 76 8.80 -13.17 -14.28
C ARG C 76 7.82 -13.28 -15.46
N ASP C 77 7.79 -12.36 -16.42
CA ASP C 77 6.74 -12.38 -17.48
C ASP C 77 7.25 -12.98 -18.79
N GLU C 78 8.36 -13.74 -18.80
CA GLU C 78 8.93 -14.42 -20.00
C GLU C 78 9.41 -13.37 -21.00
N THR C 79 10.03 -12.30 -20.51
CA THR C 79 10.62 -11.26 -21.38
C THR C 79 12.10 -11.16 -21.04
N HIS C 80 12.82 -10.43 -21.88
CA HIS C 80 14.23 -10.08 -21.67
C HIS C 80 14.32 -8.55 -21.52
N GLU C 81 14.99 -8.09 -20.46
CA GLU C 81 15.29 -6.69 -20.19
C GLU C 81 16.78 -6.66 -19.88
N LEU C 82 17.55 -5.93 -20.68
CA LEU C 82 19.02 -5.98 -20.65
C LEU C 82 19.59 -4.67 -20.15
N ASP C 83 20.75 -4.76 -19.54
CA ASP C 83 21.46 -3.64 -18.91
C ASP C 83 22.93 -3.75 -19.31
N ALA C 84 23.63 -2.63 -19.49
CA ALA C 84 25.08 -2.62 -19.76
C ALA C 84 25.67 -1.30 -19.32
N CYS C 85 26.96 -1.32 -19.07
CA CYS C 85 27.74 -0.13 -18.69
C CYS C 85 29.11 -0.27 -19.30
N VAL C 86 29.69 0.86 -19.67
CA VAL C 86 31.11 0.95 -20.08
C VAL C 86 31.68 2.20 -19.43
N MET C 87 32.89 2.14 -18.90
CA MET C 87 33.54 3.33 -18.33
C MET C 87 34.99 3.42 -18.81
N ASP C 88 35.37 4.66 -19.15
CA ASP C 88 36.70 5.06 -19.64
C ASP C 88 37.46 5.69 -18.48
N GLY C 89 38.48 4.99 -17.97
CA GLY C 89 39.25 5.44 -16.79
C GLY C 89 40.14 6.63 -17.10
N ASN C 90 40.32 6.94 -18.39
CA ASN C 90 41.16 8.07 -18.85
C ASN C 90 40.40 9.40 -18.67
N THR C 91 39.10 9.41 -18.95
CA THR C 91 38.24 10.63 -18.93
C THR C 91 37.22 10.55 -17.79
N LEU C 92 37.06 9.38 -17.18
CA LEU C 92 35.97 9.11 -16.21
C LEU C 92 34.60 9.30 -16.90
N LYS C 93 34.55 9.28 -18.22
CA LYS C 93 33.27 9.26 -18.96
C LYS C 93 32.71 7.85 -18.88
N ALA C 94 31.39 7.74 -18.87
CA ALA C 94 30.73 6.42 -18.83
C ALA C 94 29.41 6.52 -19.59
N GLY C 95 28.93 5.39 -20.05
CA GLY C 95 27.61 5.23 -20.69
C GLY C 95 26.96 3.97 -20.21
N ALA C 96 25.64 4.01 -20.07
CA ALA C 96 24.89 2.85 -19.54
C ALA C 96 23.51 2.88 -20.14
N VAL C 97 22.95 1.71 -20.33
CA VAL C 97 21.53 1.48 -20.68
C VAL C 97 20.97 0.48 -19.69
N ALA C 98 19.70 0.61 -19.35
CA ALA C 98 19.02 -0.36 -18.50
C ALA C 98 17.63 -0.57 -19.08
N GLY C 99 17.11 -1.76 -18.94
CA GLY C 99 15.72 -2.07 -19.29
C GLY C 99 15.56 -2.04 -20.81
N VAL C 100 16.57 -2.35 -21.62
CA VAL C 100 16.39 -2.38 -23.10
C VAL C 100 16.08 -3.80 -23.58
N SER C 101 15.14 -3.92 -24.52
CA SER C 101 14.66 -5.21 -25.11
C SER C 101 14.86 -5.31 -26.64
N HIS C 102 15.19 -4.22 -27.35
CA HIS C 102 15.15 -4.20 -28.83
C HIS C 102 16.50 -3.82 -29.41
N LEU C 103 17.55 -3.89 -28.59
CA LEU C 103 18.93 -3.64 -29.02
C LEU C 103 19.72 -4.95 -28.88
N ARG C 104 20.41 -5.35 -29.95
CA ARG C 104 21.10 -6.65 -29.98
C ARG C 104 22.23 -6.67 -28.94
N ASN C 105 23.00 -5.58 -28.87
CA ASN C 105 24.26 -5.49 -28.10
C ASN C 105 24.17 -4.32 -27.12
N PRO C 106 23.60 -4.51 -25.92
CA PRO C 106 23.51 -3.42 -24.96
C PRO C 106 24.84 -2.69 -24.75
N VAL C 107 25.98 -3.38 -24.73
CA VAL C 107 27.25 -2.67 -24.45
C VAL C 107 27.55 -1.67 -25.57
N LEU C 108 27.10 -1.93 -26.81
CA LEU C 108 27.33 -0.98 -27.93
C LEU C 108 26.43 0.24 -27.75
N ALA C 109 25.21 0.04 -27.26
CA ALA C 109 24.26 1.12 -26.91
C ALA C 109 24.84 1.97 -25.79
N ALA C 110 25.43 1.32 -24.78
CA ALA C 110 26.05 2.00 -23.62
C ALA C 110 27.22 2.86 -24.13
N ARG C 111 28.01 2.33 -25.05
CA ARG C 111 29.15 3.10 -25.63
C ARG C 111 28.59 4.29 -26.44
N LEU C 112 27.45 4.15 -27.08
CA LEU C 112 26.80 5.25 -27.84
C LEU C 112 26.34 6.38 -26.91
N VAL C 113 25.75 6.04 -25.77
CA VAL C 113 25.40 7.02 -24.70
C VAL C 113 26.68 7.75 -24.30
N MET C 114 27.80 7.02 -24.09
CA MET C 114 29.08 7.64 -23.65
C MET C 114 29.53 8.64 -24.71
N GLU C 115 29.61 8.22 -25.97
CA GLU C 115 30.31 8.96 -27.04
C GLU C 115 29.38 9.93 -27.79
N GLN C 116 28.07 9.73 -27.87
CA GLN C 116 27.21 10.52 -28.79
C GLN C 116 26.07 11.18 -28.03
N SER C 117 26.20 11.31 -26.71
N SER C 117 26.25 11.39 -26.73
CA SER C 117 25.26 12.04 -25.83
CA SER C 117 25.25 11.96 -25.78
C SER C 117 26.10 12.78 -24.79
C SER C 117 26.08 12.74 -24.75
N PRO C 118 25.53 13.80 -24.13
CA PRO C 118 26.19 14.40 -22.97
C PRO C 118 25.83 13.64 -21.67
N HIS C 119 25.18 12.46 -21.81
CA HIS C 119 24.52 11.74 -20.69
C HIS C 119 25.32 10.52 -20.30
N VAL C 120 24.97 9.94 -19.15
CA VAL C 120 25.67 8.76 -18.60
C VAL C 120 24.71 7.59 -18.69
N MET C 121 23.44 7.78 -18.39
CA MET C 121 22.50 6.64 -18.28
C MET C 121 21.19 6.93 -19.02
N MET C 122 20.75 5.96 -19.81
CA MET C 122 19.44 6.00 -20.51
CA MET C 122 19.42 6.02 -20.47
C MET C 122 18.70 4.70 -20.24
N ILE C 123 17.39 4.76 -20.13
CA ILE C 123 16.57 3.58 -19.81
C ILE C 123 15.48 3.40 -20.85
N GLY C 124 15.07 2.15 -21.00
CA GLY C 124 13.81 1.76 -21.60
C GLY C 124 13.73 2.25 -23.05
N GLU C 125 12.52 2.55 -23.47
CA GLU C 125 12.18 2.95 -24.86
C GLU C 125 12.92 4.24 -25.23
N GLY C 126 13.19 5.11 -24.26
CA GLY C 126 14.01 6.31 -24.43
C GLY C 126 15.42 5.99 -24.87
N ALA C 127 16.08 5.00 -24.24
CA ALA C 127 17.41 4.52 -24.65
C ALA C 127 17.34 3.96 -26.08
N GLU C 128 16.32 3.16 -26.35
CA GLU C 128 16.14 2.49 -27.65
C GLU C 128 15.96 3.56 -28.73
N ASN C 129 15.18 4.61 -28.49
CA ASN C 129 14.89 5.68 -29.47
C ASN C 129 16.17 6.45 -29.72
N PHE C 130 16.92 6.76 -28.66
CA PHE C 130 18.22 7.42 -28.81
C PHE C 130 19.15 6.58 -29.71
N ALA C 131 19.16 5.26 -29.52
CA ALA C 131 20.09 4.38 -30.28
C ALA C 131 19.61 4.31 -31.74
N PHE C 132 18.32 4.11 -31.96
CA PHE C 132 17.74 4.06 -33.33
C PHE C 132 18.09 5.36 -34.10
N ALA C 133 18.00 6.50 -33.44
CA ALA C 133 18.25 7.82 -34.05
C ALA C 133 19.71 7.88 -34.54
N ARG C 134 20.58 7.03 -34.01
CA ARG C 134 22.01 7.00 -34.40
C ARG C 134 22.29 5.77 -35.24
N GLY C 135 21.25 5.12 -35.75
CA GLY C 135 21.41 4.09 -36.78
C GLY C 135 21.56 2.71 -36.21
N MET C 136 21.40 2.52 -34.89
CA MET C 136 21.43 1.16 -34.33
C MET C 136 20.14 0.42 -34.71
N GLU C 137 20.28 -0.84 -35.09
CA GLU C 137 19.19 -1.64 -35.68
C GLU C 137 18.25 -2.08 -34.55
N ARG C 138 16.97 -2.19 -34.87
CA ARG C 138 15.94 -2.64 -33.91
C ARG C 138 15.78 -4.15 -34.07
N VAL C 139 15.79 -4.90 -32.97
CA VAL C 139 15.62 -6.37 -33.00
C VAL C 139 14.37 -6.73 -32.20
N SER C 140 13.85 -7.95 -32.43
CA SER C 140 12.83 -8.60 -31.57
C SER C 140 13.55 -9.23 -30.39
N PRO C 141 13.08 -9.06 -29.12
CA PRO C 141 13.73 -9.69 -27.98
C PRO C 141 13.75 -11.22 -28.03
N GLU C 142 12.97 -11.83 -28.92
CA GLU C 142 12.91 -13.30 -29.09
C GLU C 142 14.29 -13.78 -29.53
N ILE C 143 15.12 -12.93 -30.15
CA ILE C 143 16.46 -13.38 -30.58
C ILE C 143 17.32 -13.76 -29.38
N PHE C 144 17.01 -13.31 -28.16
CA PHE C 144 17.86 -13.54 -26.97
C PHE C 144 17.52 -14.91 -26.34
N SER C 145 16.36 -15.45 -26.69
CA SER C 145 15.70 -16.56 -25.96
C SER C 145 16.45 -17.87 -26.23
N THR C 146 16.65 -18.66 -25.17
CA THR C 146 17.24 -20.00 -25.20
C THR C 146 16.43 -20.92 -24.28
N SER C 147 16.24 -22.15 -24.75
CA SER C 147 15.65 -23.30 -24.02
C SER C 147 16.24 -23.42 -22.61
N LEU C 148 17.56 -23.34 -22.46
CA LEU C 148 18.26 -23.50 -21.15
C LEU C 148 17.73 -22.45 -20.16
N ARG C 149 17.67 -21.18 -20.57
CA ARG C 149 17.26 -20.12 -19.61
C ARG C 149 15.76 -20.24 -19.36
N TYR C 150 15.00 -20.69 -20.34
CA TYR C 150 13.54 -20.93 -20.18
C TYR C 150 13.29 -22.01 -19.11
N GLU C 151 14.03 -23.12 -19.15
CA GLU C 151 13.93 -24.18 -18.11
C GLU C 151 14.29 -23.58 -16.75
N GLN C 152 15.32 -22.74 -16.65
CA GLN C 152 15.70 -22.18 -15.34
C GLN C 152 14.58 -21.27 -14.82
N LEU C 153 13.79 -20.64 -15.70
CA LEU C 153 12.66 -19.77 -15.25
C LEU C 153 11.58 -20.65 -14.62
N LEU C 154 11.15 -21.71 -15.33
CA LEU C 154 10.14 -22.70 -14.83
C LEU C 154 10.57 -23.26 -13.47
N ALA C 155 11.84 -23.64 -13.31
CA ALA C 155 12.43 -24.17 -12.06
C ALA C 155 12.35 -23.10 -10.96
N ALA C 156 12.64 -21.83 -11.28
CA ALA C 156 12.58 -20.70 -10.31
C ALA C 156 11.14 -20.57 -9.77
N ARG C 157 10.13 -20.71 -10.63
CA ARG C 157 8.69 -20.58 -10.24
C ARG C 157 8.16 -21.97 -9.82
N LYS C 158 8.56 -22.45 -8.64
CA LYS C 158 8.27 -23.83 -8.14
C LYS C 158 7.40 -23.77 -6.88
N GLU C 159 7.65 -22.80 -5.97
CA GLU C 159 6.87 -22.59 -4.73
C GLU C 159 5.42 -22.28 -5.09
N THR D 1 25.37 -12.22 -16.20
CA THR D 1 26.26 -11.07 -16.32
C THR D 1 27.57 -11.51 -16.98
N VAL D 2 28.17 -10.62 -17.76
CA VAL D 2 29.52 -10.74 -18.35
C VAL D 2 30.24 -9.43 -18.14
N GLY D 3 31.54 -9.43 -18.29
CA GLY D 3 32.35 -8.24 -18.00
C GLY D 3 33.74 -8.34 -18.56
N ALA D 4 34.40 -7.20 -18.70
CA ALA D 4 35.81 -7.15 -19.15
C ALA D 4 36.43 -5.94 -18.49
N VAL D 5 37.70 -6.06 -18.15
CA VAL D 5 38.55 -4.93 -17.72
C VAL D 5 39.88 -5.10 -18.46
N ALA D 6 40.54 -4.00 -18.77
CA ALA D 6 41.79 -4.03 -19.55
C ALA D 6 42.66 -2.85 -19.14
N LEU D 7 43.98 -3.06 -19.15
CA LEU D 7 45.03 -2.04 -19.11
C LEU D 7 45.73 -2.08 -20.48
N ASP D 8 45.78 -0.97 -21.21
CA ASP D 8 46.33 -0.94 -22.59
C ASP D 8 47.80 -0.48 -22.52
N LEU D 9 48.47 -0.39 -23.67
CA LEU D 9 49.94 -0.04 -23.76
C LEU D 9 50.17 1.41 -23.33
N ASP D 10 49.17 2.29 -23.44
CA ASP D 10 49.26 3.72 -23.04
C ASP D 10 48.95 3.93 -21.55
N GLY D 11 48.72 2.87 -20.79
CA GLY D 11 48.38 2.95 -19.35
C GLY D 11 46.92 3.38 -19.08
N ASN D 12 46.01 3.21 -20.03
CA ASN D 12 44.56 3.49 -19.81
C ASN D 12 43.83 2.24 -19.28
N LEU D 13 42.94 2.48 -18.31
CA LEU D 13 42.05 1.47 -17.68
C LEU D 13 40.64 1.67 -18.21
N ALA D 14 39.89 0.59 -18.39
CA ALA D 14 38.48 0.63 -18.83
C ALA D 14 37.77 -0.61 -18.31
N ALA D 15 36.46 -0.52 -18.20
CA ALA D 15 35.61 -1.61 -17.70
C ALA D 15 34.30 -1.57 -18.44
N ALA D 16 33.73 -2.75 -18.65
CA ALA D 16 32.39 -2.87 -19.25
C ALA D 16 31.71 -4.07 -18.64
N THR D 17 30.39 -3.97 -18.52
CA THR D 17 29.53 -4.99 -17.88
C THR D 17 28.24 -5.09 -18.70
N SER D 18 27.69 -6.28 -18.88
CA SER D 18 26.39 -6.46 -19.59
C SER D 18 25.63 -7.62 -18.95
N THR D 19 24.31 -7.54 -18.88
CA THR D 19 23.56 -8.64 -18.22
C THR D 19 22.13 -8.73 -18.72
N GLY D 20 21.54 -9.90 -18.53
CA GLY D 20 20.08 -10.14 -18.55
C GLY D 20 19.43 -9.90 -17.20
N GLY D 21 20.21 -9.75 -16.16
CA GLY D 21 19.69 -9.60 -14.78
C GLY D 21 19.58 -10.95 -14.07
N THR D 22 18.55 -11.13 -13.25
CA THR D 22 18.37 -12.33 -12.40
C THR D 22 17.08 -12.98 -12.88
N THR D 23 17.08 -14.31 -13.05
CA THR D 23 15.92 -15.13 -13.49
C THR D 23 14.71 -14.75 -12.62
N ASN D 24 13.56 -14.47 -13.28
CA ASN D 24 12.26 -14.22 -12.65
C ASN D 24 12.26 -12.86 -11.93
N LYS D 25 13.16 -11.93 -12.29
CA LYS D 25 13.09 -10.56 -11.72
C LYS D 25 11.73 -9.99 -12.10
N LEU D 26 11.22 -9.06 -11.32
CA LEU D 26 10.06 -8.25 -11.71
C LEU D 26 10.47 -7.45 -12.92
N PRO D 27 9.60 -7.37 -13.95
CA PRO D 27 9.82 -6.41 -15.03
C PRO D 27 10.07 -5.02 -14.42
N GLY D 28 11.13 -4.36 -14.90
CA GLY D 28 11.52 -3.01 -14.47
C GLY D 28 12.63 -3.02 -13.44
N ARG D 29 13.03 -4.20 -12.99
CA ARG D 29 14.10 -4.35 -11.98
C ARG D 29 15.43 -3.98 -12.64
N VAL D 30 16.20 -3.14 -11.97
CA VAL D 30 17.58 -2.80 -12.40
C VAL D 30 18.52 -3.26 -11.31
N GLY D 31 19.59 -3.99 -11.71
CA GLY D 31 20.65 -4.49 -10.83
C GLY D 31 21.84 -3.57 -10.92
N ASP D 32 23.00 -4.05 -10.51
CA ASP D 32 24.24 -3.25 -10.36
C ASP D 32 24.91 -2.98 -11.71
N SER D 33 24.69 -3.82 -12.76
CA SER D 33 25.50 -3.81 -14.01
C SER D 33 25.50 -2.45 -14.71
N PRO D 34 24.38 -1.71 -14.83
CA PRO D 34 24.41 -0.39 -15.46
C PRO D 34 24.67 0.78 -14.53
N LEU D 35 24.93 0.53 -13.23
CA LEU D 35 25.15 1.63 -12.27
C LEU D 35 26.64 1.81 -12.06
N VAL D 36 27.14 2.95 -12.49
CA VAL D 36 28.54 3.38 -12.27
C VAL D 36 28.85 3.20 -10.80
N GLY D 37 29.92 2.47 -10.49
CA GLY D 37 30.42 2.32 -9.10
C GLY D 37 29.82 1.14 -8.41
N ALA D 38 28.72 0.58 -8.91
CA ALA D 38 28.15 -0.65 -8.35
C ALA D 38 28.71 -1.84 -9.14
N GLY D 39 28.38 -1.96 -10.43
CA GLY D 39 28.75 -3.14 -11.22
C GLY D 39 29.86 -2.87 -12.23
N CYS D 40 30.22 -1.61 -12.39
CA CYS D 40 31.16 -1.16 -13.43
C CYS D 40 31.87 0.12 -12.96
N TYR D 41 33.20 0.16 -13.00
CA TYR D 41 33.96 1.37 -12.65
C TYR D 41 35.34 1.28 -13.28
N ALA D 42 35.85 2.41 -13.76
CA ALA D 42 37.25 2.52 -14.24
C ALA D 42 37.79 3.91 -13.93
N ASN D 43 39.01 3.95 -13.42
CA ASN D 43 39.72 5.23 -13.11
C ASN D 43 41.22 4.97 -13.24
N ASN D 44 41.93 5.70 -14.13
CA ASN D 44 43.37 5.49 -14.43
C ASN D 44 44.25 5.64 -13.17
N ALA D 45 43.81 6.43 -12.19
CA ALA D 45 44.50 6.69 -10.91
C ALA D 45 44.38 5.49 -9.96
N SER D 46 43.46 4.55 -10.19
CA SER D 46 43.19 3.44 -9.24
C SER D 46 42.98 2.13 -10.00
N VAL D 47 41.78 1.86 -10.50
CA VAL D 47 41.37 0.47 -10.84
C VAL D 47 40.21 0.50 -11.84
N ALA D 48 40.08 -0.61 -12.56
CA ALA D 48 38.95 -0.96 -13.43
C ALA D 48 38.33 -2.23 -12.86
N VAL D 49 37.01 -2.25 -12.73
CA VAL D 49 36.27 -3.35 -12.05
C VAL D 49 35.01 -3.65 -12.85
N SER D 50 34.68 -4.93 -12.94
CA SER D 50 33.36 -5.41 -13.45
C SER D 50 32.87 -6.52 -12.50
N CYS D 51 31.62 -6.42 -12.04
CA CYS D 51 31.06 -7.33 -11.03
C CYS D 51 30.06 -8.32 -11.62
N THR D 52 29.80 -9.36 -10.85
CA THR D 52 28.75 -10.36 -11.16
C THR D 52 28.18 -10.90 -9.85
N GLY D 53 26.87 -11.17 -9.82
CA GLY D 53 26.20 -11.84 -8.70
C GLY D 53 24.94 -11.11 -8.27
N THR D 54 24.64 -11.13 -6.96
CA THR D 54 23.37 -10.66 -6.36
C THR D 54 23.35 -9.14 -6.45
N GLY D 55 22.89 -8.60 -7.56
CA GLY D 55 23.05 -7.17 -7.91
C GLY D 55 22.67 -6.25 -6.77
N GLU D 56 21.55 -6.49 -6.10
CA GLU D 56 21.02 -5.58 -5.05
C GLU D 56 22.13 -5.28 -4.02
N VAL D 57 22.90 -6.29 -3.60
CA VAL D 57 23.89 -6.07 -2.54
C VAL D 57 25.08 -5.29 -3.13
N PHE D 58 25.46 -5.53 -4.40
CA PHE D 58 26.55 -4.78 -5.06
C PHE D 58 26.14 -3.29 -5.14
N ILE D 59 24.85 -2.97 -5.30
CA ILE D 59 24.39 -1.55 -5.31
C ILE D 59 24.54 -0.96 -3.89
N ARG D 60 23.98 -1.63 -2.89
CA ARG D 60 23.95 -1.12 -1.50
C ARG D 60 25.39 -0.92 -1.01
N ALA D 61 26.29 -1.79 -1.41
CA ALA D 61 27.73 -1.76 -0.99
C ALA D 61 28.61 -0.93 -1.94
N LEU D 62 28.10 -0.50 -3.11
CA LEU D 62 28.87 0.25 -4.16
C LEU D 62 30.18 -0.50 -4.41
N ALA D 63 30.05 -1.77 -4.74
CA ALA D 63 31.16 -2.74 -4.66
C ALA D 63 32.32 -2.27 -5.54
N ALA D 64 32.04 -1.78 -6.76
CA ALA D 64 33.11 -1.53 -7.74
C ALA D 64 33.92 -0.31 -7.28
N TYR D 65 33.22 0.74 -6.85
CA TYR D 65 33.87 2.00 -6.40
C TYR D 65 34.56 1.76 -5.06
N ASP D 66 33.99 0.92 -4.21
CA ASP D 66 34.61 0.55 -2.92
C ASP D 66 36.01 -0.04 -3.15
N ILE D 67 36.21 -0.95 -4.10
CA ILE D 67 37.57 -1.44 -4.45
C ILE D 67 38.50 -0.21 -4.62
N ALA D 68 38.09 0.74 -5.47
CA ALA D 68 38.84 1.96 -5.83
C ALA D 68 39.10 2.81 -4.58
N ALA D 69 38.11 3.02 -3.74
CA ALA D 69 38.22 3.88 -2.55
C ALA D 69 39.10 3.19 -1.50
N LEU D 70 38.93 1.88 -1.30
CA LEU D 70 39.80 1.18 -0.31
C LEU D 70 41.27 1.31 -0.75
N MET D 71 41.58 1.30 -2.05
CA MET D 71 42.97 1.43 -2.53
C MET D 71 43.44 2.88 -2.40
N ASP D 72 42.65 3.83 -2.94
CA ASP D 72 42.98 5.26 -3.10
C ASP D 72 43.15 5.92 -1.74
N TYR D 73 42.19 5.76 -0.83
CA TYR D 73 42.10 6.47 0.47
C TYR D 73 42.61 5.55 1.60
N GLY D 74 42.41 4.23 1.50
CA GLY D 74 42.75 3.26 2.55
C GLY D 74 44.16 2.70 2.40
N GLY D 75 44.80 2.91 1.25
CA GLY D 75 46.16 2.40 0.95
C GLY D 75 46.19 0.90 0.75
N LEU D 76 45.04 0.22 0.63
CA LEU D 76 45.01 -1.26 0.47
C LEU D 76 45.57 -1.61 -0.91
N SER D 77 46.23 -2.76 -1.05
CA SER D 77 46.56 -3.35 -2.37
C SER D 77 45.28 -3.89 -3.05
N LEU D 78 45.33 -4.11 -4.36
CA LEU D 78 44.24 -4.77 -5.13
C LEU D 78 43.81 -6.05 -4.40
N ALA D 79 44.74 -6.93 -4.05
CA ALA D 79 44.47 -8.24 -3.39
C ALA D 79 43.69 -8.02 -2.08
N GLU D 80 44.10 -7.03 -1.27
CA GLU D 80 43.48 -6.74 0.05
C GLU D 80 42.07 -6.16 -0.17
N ALA D 81 41.94 -5.23 -1.11
CA ALA D 81 40.67 -4.55 -1.43
C ALA D 81 39.69 -5.63 -1.88
N CYS D 82 40.11 -6.52 -2.78
CA CYS D 82 39.24 -7.60 -3.29
C CYS D 82 38.81 -8.55 -2.16
N GLU D 83 39.74 -8.93 -1.29
CA GLU D 83 39.44 -9.80 -0.13
C GLU D 83 38.36 -9.12 0.71
N ARG D 84 38.60 -7.85 1.07
N ARG D 84 38.58 -7.86 1.12
CA ARG D 84 37.74 -7.06 2.00
CA ARG D 84 37.65 -7.17 2.06
C ARG D 84 36.30 -6.99 1.45
C ARG D 84 36.25 -7.10 1.41
N VAL D 85 36.16 -6.69 0.15
CA VAL D 85 34.84 -6.46 -0.48
C VAL D 85 34.15 -7.80 -0.72
N VAL D 86 34.81 -8.74 -1.41
CA VAL D 86 34.11 -9.95 -1.94
C VAL D 86 33.96 -10.99 -0.83
N MET D 87 34.94 -11.13 0.06
CA MET D 87 34.98 -12.24 1.04
C MET D 87 34.46 -11.78 2.41
N GLU D 88 34.37 -10.48 2.74
CA GLU D 88 33.87 -9.99 4.05
C GLU D 88 32.59 -9.15 3.89
N LYS D 89 32.64 -8.03 3.17
CA LYS D 89 31.54 -7.02 3.22
C LYS D 89 30.32 -7.49 2.42
N LEU D 90 30.53 -8.08 1.24
CA LEU D 90 29.39 -8.56 0.41
C LEU D 90 28.65 -9.66 1.15
N PRO D 91 29.35 -10.69 1.70
CA PRO D 91 28.67 -11.76 2.43
C PRO D 91 28.00 -11.26 3.72
N ALA D 92 28.56 -10.27 4.40
CA ALA D 92 27.91 -9.67 5.61
C ALA D 92 26.53 -9.10 5.26
N LEU D 93 26.28 -8.62 4.03
CA LEU D 93 24.98 -8.03 3.65
C LEU D 93 24.12 -9.05 2.91
N GLY D 94 24.56 -10.31 2.83
CA GLY D 94 23.80 -11.38 2.16
C GLY D 94 24.15 -11.45 0.69
N GLY D 95 25.27 -10.89 0.26
CA GLY D 95 25.61 -10.84 -1.16
C GLY D 95 26.46 -12.02 -1.57
N SER D 96 26.25 -12.55 -2.75
CA SER D 96 27.22 -13.50 -3.34
C SER D 96 27.49 -13.17 -4.80
N GLY D 97 28.74 -13.42 -5.17
CA GLY D 97 29.24 -13.30 -6.55
C GLY D 97 30.72 -13.02 -6.50
N GLY D 98 31.17 -12.19 -7.43
CA GLY D 98 32.59 -11.90 -7.59
C GLY D 98 32.79 -10.73 -8.50
N LEU D 99 34.02 -10.53 -8.90
CA LEU D 99 34.38 -9.41 -9.78
C LEU D 99 35.75 -9.69 -10.39
N ILE D 100 36.08 -8.91 -11.42
CA ILE D 100 37.40 -8.89 -12.07
C ILE D 100 37.91 -7.46 -11.95
N ALA D 101 39.20 -7.33 -11.72
CA ALA D 101 39.83 -6.03 -11.44
C ALA D 101 41.29 -6.06 -11.92
N ILE D 102 41.71 -4.94 -12.48
CA ILE D 102 43.10 -4.60 -12.86
C ILE D 102 43.36 -3.21 -12.27
N ASP D 103 44.45 -3.03 -11.52
CA ASP D 103 44.88 -1.69 -11.03
C ASP D 103 45.83 -1.05 -12.06
N HIS D 104 46.21 0.20 -11.80
CA HIS D 104 47.06 1.06 -12.69
C HIS D 104 48.49 0.48 -12.83
N GLU D 105 48.94 -0.41 -11.94
CA GLU D 105 50.27 -1.10 -12.00
C GLU D 105 50.16 -2.43 -12.75
N GLY D 106 48.97 -2.80 -13.23
CA GLY D 106 48.74 -4.02 -14.03
C GLY D 106 48.61 -5.26 -13.17
N ASN D 107 48.40 -5.13 -11.87
CA ASN D 107 47.95 -6.26 -11.03
C ASN D 107 46.54 -6.67 -11.46
N VAL D 108 46.24 -7.96 -11.43
CA VAL D 108 44.91 -8.49 -11.82
CA VAL D 108 44.95 -8.55 -11.84
C VAL D 108 44.40 -9.34 -10.66
N ALA D 109 43.08 -9.32 -10.44
CA ALA D 109 42.43 -10.10 -9.38
C ALA D 109 41.04 -10.53 -9.87
N LEU D 110 40.65 -11.77 -9.54
CA LEU D 110 39.38 -12.38 -9.98
C LEU D 110 38.74 -13.04 -8.77
N PRO D 111 38.52 -12.30 -7.67
CA PRO D 111 37.87 -12.86 -6.48
C PRO D 111 36.41 -13.27 -6.72
N PHE D 112 35.98 -14.36 -6.09
CA PHE D 112 34.56 -14.78 -6.03
C PHE D 112 34.35 -15.60 -4.77
N ASN D 113 33.15 -15.47 -4.19
CA ASN D 113 32.74 -16.15 -2.93
C ASN D 113 31.71 -17.22 -3.29
N THR D 114 31.47 -17.47 -4.57
CA THR D 114 30.54 -18.52 -5.06
C THR D 114 31.34 -19.80 -5.35
N GLU D 115 30.67 -20.91 -5.70
CA GLU D 115 31.31 -22.20 -6.11
C GLU D 115 32.14 -21.99 -7.38
N GLY D 116 31.73 -21.06 -8.26
CA GLY D 116 32.32 -20.86 -9.58
C GLY D 116 32.14 -19.45 -10.13
N MET D 117 33.01 -19.12 -11.08
CA MET D 117 32.96 -17.87 -11.88
C MET D 117 33.67 -18.15 -13.19
N TYR D 118 32.91 -18.15 -14.27
CA TYR D 118 33.45 -18.28 -15.63
C TYR D 118 34.36 -17.07 -15.82
N ARG D 119 35.64 -17.30 -16.10
CA ARG D 119 36.64 -16.20 -16.11
C ARG D 119 37.85 -16.58 -16.95
N ALA D 120 38.60 -15.56 -17.35
CA ALA D 120 39.86 -15.74 -18.09
C ALA D 120 40.62 -14.43 -17.99
N TRP D 121 41.95 -14.49 -18.13
CA TRP D 121 42.82 -13.29 -18.15
C TRP D 121 44.14 -13.68 -18.80
N GLY D 122 44.90 -12.68 -19.25
CA GLY D 122 46.27 -12.86 -19.75
C GLY D 122 46.87 -11.51 -20.06
N TYR D 123 48.18 -11.38 -19.85
CA TYR D 123 48.98 -10.20 -20.25
C TYR D 123 49.13 -10.25 -21.76
N ALA D 124 49.18 -9.09 -22.40
CA ALA D 124 49.47 -8.94 -23.85
C ALA D 124 50.70 -9.80 -24.20
N GLY D 125 50.64 -10.51 -25.33
CA GLY D 125 51.72 -11.36 -25.84
C GLY D 125 52.07 -12.46 -24.85
N ASP D 126 51.08 -13.20 -24.38
CA ASP D 126 51.26 -14.22 -23.32
C ASP D 126 50.16 -15.27 -23.41
N THR D 127 50.28 -16.34 -22.65
CA THR D 127 49.30 -17.45 -22.59
C THR D 127 48.17 -17.07 -21.63
N PRO D 128 46.89 -17.15 -22.05
CA PRO D 128 45.77 -16.86 -21.16
C PRO D 128 45.54 -18.01 -20.17
N THR D 129 45.01 -17.69 -18.99
CA THR D 129 44.45 -18.68 -18.03
C THR D 129 42.92 -18.61 -18.12
N THR D 130 42.25 -19.76 -18.20
CA THR D 130 40.77 -19.87 -18.11
C THR D 130 40.45 -20.52 -16.77
N GLY D 131 39.27 -20.24 -16.23
CA GLY D 131 38.75 -20.82 -14.98
C GLY D 131 37.24 -20.93 -14.97
N ILE D 132 36.72 -21.98 -14.34
CA ILE D 132 35.30 -22.09 -13.93
C ILE D 132 35.26 -22.21 -12.41
N TYR D 133 35.95 -23.22 -11.84
CA TYR D 133 35.82 -23.58 -10.39
C TYR D 133 36.81 -22.76 -9.55
N ARG D 134 36.91 -23.08 -8.26
CA ARG D 134 37.78 -22.35 -7.30
C ARG D 134 39.24 -22.79 -7.48
N GLU D 135 40.19 -21.90 -7.20
CA GLU D 135 41.65 -22.17 -7.13
C GLU D 135 42.30 -21.73 -8.43
N ALA E 4 -52.33 4.96 10.59
CA ALA E 4 -51.20 5.46 9.76
C ALA E 4 -50.55 6.67 10.42
N VAL E 5 -49.21 6.71 10.43
CA VAL E 5 -48.40 7.74 11.14
C VAL E 5 -46.97 7.75 10.59
N ILE E 6 -46.31 8.91 10.64
CA ILE E 6 -44.91 9.14 10.22
C ILE E 6 -44.19 9.81 11.39
N ALA E 7 -42.94 9.42 11.63
CA ALA E 7 -41.99 10.27 12.38
C ALA E 7 -40.76 10.49 11.49
N ILE E 8 -40.09 11.64 11.65
CA ILE E 8 -38.84 12.00 10.92
C ILE E 8 -37.90 12.60 11.95
N HIS E 9 -36.61 12.55 11.68
CA HIS E 9 -35.61 13.28 12.48
C HIS E 9 -34.60 13.91 11.53
N GLY E 10 -33.90 14.91 12.03
CA GLY E 10 -32.83 15.63 11.32
C GLY E 10 -31.56 15.63 12.13
N GLY E 11 -31.43 14.69 13.06
CA GLY E 11 -30.21 14.53 13.87
C GLY E 11 -30.39 14.98 15.32
N ALA E 12 -29.74 14.29 16.24
CA ALA E 12 -29.66 14.60 17.69
C ALA E 12 -28.25 15.06 17.97
N GLY E 13 -28.12 16.01 18.88
CA GLY E 13 -26.81 16.60 19.26
C GLY E 13 -26.99 17.69 20.29
N ALA E 14 -25.92 18.42 20.57
CA ALA E 14 -25.89 19.60 21.47
C ALA E 14 -26.50 20.80 20.75
N ILE E 15 -27.79 20.74 20.42
CA ILE E 15 -28.54 21.90 19.83
C ILE E 15 -28.84 22.83 21.00
N SER E 16 -28.03 23.88 21.20
CA SER E 16 -28.08 24.75 22.40
C SER E 16 -28.87 26.04 22.10
N ARG E 17 -29.93 26.29 22.89
CA ARG E 17 -30.82 27.46 22.70
C ARG E 17 -30.02 28.74 22.94
N ALA E 18 -29.03 28.69 23.83
CA ALA E 18 -28.14 29.82 24.22
C ALA E 18 -27.49 30.45 22.97
N GLN E 19 -27.22 29.64 21.93
CA GLN E 19 -26.43 30.03 20.73
C GLN E 19 -27.22 29.68 19.45
N MET E 20 -28.48 30.11 19.39
CA MET E 20 -29.40 30.01 18.23
C MET E 20 -30.52 31.03 18.44
N SER E 21 -30.93 31.76 17.39
CA SER E 21 -32.02 32.78 17.41
C SER E 21 -33.34 32.14 16.97
N LEU E 22 -34.48 32.66 17.44
CA LEU E 22 -35.85 32.15 17.11
C LEU E 22 -36.03 32.03 15.59
N GLN E 23 -35.46 32.98 14.84
CA GLN E 23 -35.53 33.05 13.35
C GLN E 23 -34.68 31.92 12.76
N GLN E 24 -33.57 31.58 13.42
CA GLN E 24 -32.74 30.40 13.04
C GLN E 24 -33.55 29.12 13.28
N GLU E 25 -34.23 29.02 14.42
CA GLU E 25 -34.99 27.80 14.79
C GLU E 25 -36.19 27.64 13.86
N LEU E 26 -36.76 28.76 13.40
CA LEU E 26 -37.95 28.77 12.50
C LEU E 26 -37.64 28.10 11.15
N ARG E 27 -36.49 28.39 10.56
CA ARG E 27 -35.98 27.67 9.36
C ARG E 27 -36.09 26.16 9.60
N TYR E 28 -35.51 25.62 10.69
CA TYR E 28 -35.56 24.17 11.01
C TYR E 28 -37.02 23.72 11.18
N ILE E 29 -37.83 24.46 11.95
CA ILE E 29 -39.24 24.03 12.21
C ILE E 29 -39.96 23.96 10.86
N GLU E 30 -39.78 24.97 10.01
CA GLU E 30 -40.47 25.09 8.69
C GLU E 30 -40.09 23.88 7.82
N ALA E 31 -38.78 23.59 7.74
CA ALA E 31 -38.26 22.46 6.92
C ALA E 31 -38.90 21.18 7.45
N LEU E 32 -38.84 20.98 8.77
CA LEU E 32 -39.42 19.79 9.44
C LEU E 32 -40.92 19.66 9.18
N SER E 33 -41.71 20.72 9.30
CA SER E 33 -43.17 20.62 9.16
C SER E 33 -43.53 20.33 7.70
N ALA E 34 -42.87 21.00 6.77
CA ALA E 34 -43.10 20.82 5.31
C ALA E 34 -42.92 19.35 4.93
N ILE E 35 -41.90 18.68 5.49
CA ILE E 35 -41.54 17.29 5.09
C ILE E 35 -42.52 16.31 5.76
N VAL E 36 -42.79 16.47 7.07
CA VAL E 36 -43.71 15.54 7.78
C VAL E 36 -45.11 15.66 7.15
N GLU E 37 -45.53 16.88 6.77
CA GLU E 37 -46.84 17.17 6.12
C GLU E 37 -46.89 16.43 4.77
N THR E 38 -45.82 16.50 3.97
CA THR E 38 -45.71 15.70 2.72
C THR E 38 -45.96 14.22 3.03
N GLY E 39 -45.31 13.67 4.07
CA GLY E 39 -45.42 12.25 4.42
C GLY E 39 -46.81 11.90 4.90
N GLN E 40 -47.39 12.71 5.81
CA GLN E 40 -48.78 12.58 6.28
C GLN E 40 -49.73 12.50 5.07
N LYS E 41 -49.61 13.47 4.15
CA LYS E 41 -50.47 13.57 2.94
C LYS E 41 -50.34 12.27 2.12
N MET E 42 -49.10 11.79 1.93
CA MET E 42 -48.82 10.56 1.16
C MET E 42 -49.55 9.38 1.82
N LEU E 43 -49.40 9.24 3.14
CA LEU E 43 -50.05 8.16 3.92
C LEU E 43 -51.58 8.24 3.72
N GLU E 44 -52.17 9.40 3.96
CA GLU E 44 -53.63 9.66 3.76
C GLU E 44 -54.03 9.12 2.37
N ALA E 45 -53.31 9.50 1.31
CA ALA E 45 -53.59 9.11 -0.09
C ALA E 45 -53.35 7.61 -0.31
N GLY E 46 -52.98 6.86 0.72
CA GLY E 46 -52.75 5.40 0.68
C GLY E 46 -51.38 4.98 0.12
N GLU E 47 -50.36 5.84 0.12
CA GLU E 47 -49.00 5.43 -0.36
C GLU E 47 -48.36 4.47 0.67
N SER E 48 -47.42 3.64 0.24
CA SER E 48 -46.77 2.58 1.07
C SER E 48 -45.86 3.23 2.11
N ALA E 49 -45.67 2.58 3.26
CA ALA E 49 -44.72 3.01 4.30
C ALA E 49 -43.31 3.17 3.68
N LEU E 50 -42.93 2.26 2.77
CA LEU E 50 -41.60 2.27 2.10
C LEU E 50 -41.46 3.55 1.27
N ASP E 51 -42.44 3.84 0.41
CA ASP E 51 -42.45 5.05 -0.45
C ASP E 51 -42.41 6.31 0.42
N VAL E 52 -43.13 6.32 1.55
CA VAL E 52 -43.21 7.47 2.49
C VAL E 52 -41.82 7.73 3.09
N VAL E 53 -41.21 6.72 3.69
CA VAL E 53 -39.91 6.95 4.40
C VAL E 53 -38.86 7.29 3.33
N THR E 54 -38.95 6.66 2.16
CA THR E 54 -38.02 6.95 1.04
C THR E 54 -38.17 8.45 0.68
N GLU E 55 -39.40 8.95 0.51
CA GLU E 55 -39.61 10.35 0.05
C GLU E 55 -39.22 11.30 1.19
N ALA E 56 -39.52 10.95 2.44
CA ALA E 56 -39.20 11.84 3.59
C ALA E 56 -37.67 12.03 3.65
N VAL E 57 -36.94 10.92 3.57
CA VAL E 57 -35.45 10.98 3.66
C VAL E 57 -34.88 11.67 2.42
N ARG E 58 -35.44 11.43 1.24
CA ARG E 58 -35.00 12.15 0.01
C ARG E 58 -35.11 13.67 0.26
N LEU E 59 -36.24 14.13 0.82
CA LEU E 59 -36.44 15.58 1.09
C LEU E 59 -35.45 16.06 2.17
N LEU E 60 -35.20 15.23 3.17
CA LEU E 60 -34.25 15.57 4.26
C LEU E 60 -32.83 15.62 3.72
N GLU E 61 -32.49 14.75 2.75
CA GLU E 61 -31.20 14.85 2.00
C GLU E 61 -31.15 16.17 1.25
N GLU E 62 -32.19 16.48 0.46
CA GLU E 62 -32.21 17.72 -0.35
C GLU E 62 -32.06 18.95 0.57
N CYS E 63 -32.56 18.90 1.79
CA CYS E 63 -32.57 20.10 2.66
C CYS E 63 -31.17 20.33 3.23
N PRO E 64 -30.54 21.47 2.91
CA PRO E 64 -29.16 21.72 3.31
C PRO E 64 -28.96 21.92 4.82
N LEU E 65 -30.04 22.01 5.60
CA LEU E 65 -29.95 22.22 7.07
C LEU E 65 -29.52 20.94 7.79
N PHE E 66 -29.65 19.77 7.15
N PHE E 66 -29.72 19.78 7.16
CA PHE E 66 -29.50 18.45 7.82
CA PHE E 66 -29.55 18.44 7.78
C PHE E 66 -28.42 17.60 7.14
C PHE E 66 -28.31 17.76 7.18
N ASN E 67 -27.62 16.95 7.99
CA ASN E 67 -26.35 16.28 7.66
C ASN E 67 -26.66 14.95 6.95
N ALA E 68 -27.02 15.09 5.68
CA ALA E 68 -27.36 13.98 4.77
C ALA E 68 -27.59 14.60 3.40
N GLY E 69 -27.09 13.96 2.34
CA GLY E 69 -27.14 14.58 1.01
C GLY E 69 -26.57 15.98 1.06
N ILE E 70 -27.31 16.94 0.48
CA ILE E 70 -26.88 18.37 0.46
C ILE E 70 -26.80 18.86 1.91
N GLY E 71 -25.63 19.35 2.32
CA GLY E 71 -25.35 19.75 3.70
C GLY E 71 -24.74 18.64 4.54
N ALA E 72 -24.24 17.60 3.88
CA ALA E 72 -23.39 16.56 4.51
C ALA E 72 -22.20 17.22 5.22
N VAL E 73 -21.76 16.66 6.35
CA VAL E 73 -20.46 17.04 6.99
C VAL E 73 -19.27 16.62 6.12
N PHE E 74 -18.11 17.16 6.47
CA PHE E 74 -16.82 16.91 5.78
C PHE E 74 -15.99 15.96 6.62
N THR E 75 -15.27 15.08 5.92
CA THR E 75 -14.24 14.17 6.46
C THR E 75 -12.99 15.00 6.80
N ARG E 76 -12.03 14.38 7.47
CA ARG E 76 -10.69 14.96 7.76
C ARG E 76 -10.08 15.51 6.45
N ASP E 77 -10.36 14.90 5.30
CA ASP E 77 -9.74 15.29 4.00
C ASP E 77 -10.60 16.29 3.22
N GLU E 78 -11.62 16.89 3.83
CA GLU E 78 -12.53 17.87 3.17
C GLU E 78 -13.24 17.18 2.02
N THR E 79 -13.60 15.90 2.17
CA THR E 79 -14.47 15.18 1.20
C THR E 79 -15.81 14.87 1.87
N HIS E 80 -16.78 14.40 1.10
CA HIS E 80 -18.07 13.89 1.58
C HIS E 80 -18.14 12.39 1.28
N GLU E 81 -18.47 11.61 2.30
CA GLU E 81 -18.73 10.15 2.20
C GLU E 81 -20.09 9.93 2.83
N LEU E 82 -21.06 9.45 2.06
CA LEU E 82 -22.47 9.35 2.49
C LEU E 82 -22.88 7.88 2.65
N ASP E 83 -23.79 7.63 3.60
CA ASP E 83 -24.34 6.29 3.90
C ASP E 83 -25.85 6.41 4.00
N ALA E 84 -26.57 5.33 3.70
CA ALA E 84 -28.03 5.29 3.85
C ALA E 84 -28.47 3.84 3.84
N CYS E 85 -29.64 3.62 4.41
CA CYS E 85 -30.29 2.29 4.55
C CYS E 85 -31.78 2.50 4.42
N VAL E 86 -32.47 1.52 3.88
CA VAL E 86 -33.95 1.48 3.89
C VAL E 86 -34.33 0.03 4.15
N MET E 87 -35.39 -0.19 4.93
CA MET E 87 -35.86 -1.55 5.27
C MET E 87 -37.40 -1.57 5.24
N ASP E 88 -37.93 -2.60 4.59
CA ASP E 88 -39.36 -2.91 4.34
C ASP E 88 -39.79 -3.95 5.37
N GLY E 89 -40.52 -3.52 6.42
CA GLY E 89 -40.99 -4.40 7.49
C GLY E 89 -41.88 -5.53 6.97
N ASN E 90 -42.42 -5.43 5.76
CA ASN E 90 -43.35 -6.45 5.19
C ASN E 90 -42.55 -7.68 4.75
N THR E 91 -41.53 -7.49 3.90
CA THR E 91 -40.67 -8.54 3.29
C THR E 91 -39.40 -8.74 4.13
N LEU E 92 -39.07 -7.82 5.03
CA LEU E 92 -37.77 -7.78 5.77
C LEU E 92 -36.60 -7.59 4.80
N LYS E 93 -36.88 -7.09 3.59
CA LYS E 93 -35.83 -6.77 2.60
C LYS E 93 -35.24 -5.41 2.99
N ALA E 94 -33.97 -5.22 2.67
CA ALA E 94 -33.22 -3.99 3.00
C ALA E 94 -32.18 -3.73 1.92
N GLY E 95 -31.85 -2.47 1.77
CA GLY E 95 -30.76 -2.01 0.90
C GLY E 95 -30.00 -0.95 1.61
N ALA E 96 -28.71 -0.95 1.38
CA ALA E 96 -27.81 -0.01 2.07
C ALA E 96 -26.65 0.30 1.14
N VAL E 97 -26.17 1.56 1.23
CA VAL E 97 -24.91 2.05 0.60
C VAL E 97 -24.10 2.74 1.67
N ALA E 98 -22.80 2.59 1.61
CA ALA E 98 -21.89 3.31 2.51
C ALA E 98 -20.72 3.83 1.67
N GLY E 99 -20.20 4.98 2.06
CA GLY E 99 -19.02 5.60 1.47
C GLY E 99 -19.25 6.02 0.03
N VAL E 100 -20.47 6.42 -0.35
CA VAL E 100 -20.72 6.93 -1.72
C VAL E 100 -20.55 8.46 -1.75
N SER E 101 -19.93 8.96 -2.80
CA SER E 101 -19.63 10.40 -2.97
C SER E 101 -20.23 10.96 -4.26
N HIS E 102 -20.73 10.14 -5.18
CA HIS E 102 -21.08 10.59 -6.56
C HIS E 102 -22.55 10.34 -6.86
N LEU E 103 -23.34 10.12 -5.82
CA LEU E 103 -24.82 9.86 -5.88
C LEU E 103 -25.55 10.94 -5.07
N ARG E 104 -26.46 11.67 -5.73
CA ARG E 104 -27.19 12.81 -5.14
C ARG E 104 -27.95 12.37 -3.88
N ASN E 105 -28.67 11.24 -3.98
CA ASN E 105 -29.67 10.78 -2.99
C ASN E 105 -29.34 9.35 -2.55
N PRO E 106 -28.43 9.19 -1.55
CA PRO E 106 -28.05 7.88 -1.05
C PRO E 106 -29.22 6.95 -0.75
N VAL E 107 -30.31 7.49 -0.21
CA VAL E 107 -31.50 6.66 0.14
C VAL E 107 -32.11 6.07 -1.13
N LEU E 108 -32.09 6.78 -2.26
CA LEU E 108 -32.60 6.22 -3.54
C LEU E 108 -31.67 5.11 -4.04
N ALA E 109 -30.37 5.26 -3.79
CA ALA E 109 -29.36 4.23 -4.13
C ALA E 109 -29.60 3.01 -3.23
N ALA E 110 -29.87 3.20 -1.94
CA ALA E 110 -30.13 2.06 -1.01
C ALA E 110 -31.40 1.33 -1.49
N ARG E 111 -32.42 2.07 -1.89
CA ARG E 111 -33.69 1.45 -2.38
C ARG E 111 -33.39 0.65 -3.67
N LEU E 112 -32.44 1.11 -4.49
CA LEU E 112 -32.04 0.39 -5.74
C LEU E 112 -31.34 -0.95 -5.39
N VAL E 113 -30.36 -0.92 -4.49
CA VAL E 113 -29.69 -2.15 -3.97
C VAL E 113 -30.77 -3.14 -3.52
N MET E 114 -31.76 -2.68 -2.77
CA MET E 114 -32.85 -3.53 -2.25
C MET E 114 -33.67 -4.10 -3.42
N GLU E 115 -34.10 -3.27 -4.37
CA GLU E 115 -35.12 -3.70 -5.37
C GLU E 115 -34.48 -4.27 -6.64
N GLN E 116 -33.26 -3.89 -7.00
CA GLN E 116 -32.70 -4.26 -8.32
C GLN E 116 -31.39 -5.02 -8.17
N SER E 117 -31.13 -5.64 -7.00
CA SER E 117 -29.96 -6.51 -6.75
C SER E 117 -30.41 -7.66 -5.84
N PRO E 118 -29.66 -8.76 -5.76
CA PRO E 118 -29.97 -9.80 -4.78
C PRO E 118 -29.31 -9.48 -3.42
N HIS E 119 -28.48 -8.41 -3.39
CA HIS E 119 -27.64 -8.00 -2.24
C HIS E 119 -28.37 -7.03 -1.30
N VAL E 120 -27.80 -6.81 -0.12
CA VAL E 120 -28.36 -5.91 0.91
C VAL E 120 -27.46 -4.69 1.04
N MET E 121 -26.15 -4.88 1.07
CA MET E 121 -25.23 -3.75 1.29
C MET E 121 -24.21 -3.63 0.16
N MET E 122 -24.03 -2.43 -0.38
CA MET E 122 -22.99 -2.11 -1.38
CA MET E 122 -22.95 -2.14 -1.35
C MET E 122 -22.16 -0.92 -0.88
N ILE E 123 -20.87 -0.92 -1.14
CA ILE E 123 -20.01 0.21 -0.70
C ILE E 123 -19.23 0.83 -1.85
N GLY E 124 -18.85 2.10 -1.66
CA GLY E 124 -17.84 2.85 -2.43
C GLY E 124 -18.10 2.85 -3.94
N GLU E 125 -17.05 2.64 -4.72
CA GLU E 125 -17.10 2.67 -6.21
C GLU E 125 -18.02 1.59 -6.73
N GLY E 126 -18.01 0.40 -6.10
CA GLY E 126 -18.88 -0.71 -6.46
C GLY E 126 -20.35 -0.31 -6.40
N ALA E 127 -20.73 0.39 -5.32
CA ALA E 127 -22.12 0.83 -5.13
C ALA E 127 -22.44 1.86 -6.23
N GLU E 128 -21.51 2.75 -6.51
CA GLU E 128 -21.71 3.81 -7.53
C GLU E 128 -21.89 3.20 -8.92
N ASN E 129 -21.07 2.22 -9.28
CA ASN E 129 -21.09 1.55 -10.61
C ASN E 129 -22.39 0.81 -10.74
N PHE E 130 -22.81 0.13 -9.68
CA PHE E 130 -24.10 -0.58 -9.69
C PHE E 130 -25.25 0.42 -9.97
N ALA E 131 -25.24 1.57 -9.30
CA ALA E 131 -26.29 2.61 -9.45
C ALA E 131 -26.26 3.20 -10.87
N PHE E 132 -25.07 3.53 -11.36
CA PHE E 132 -24.88 4.09 -12.73
C PHE E 132 -25.44 3.10 -13.75
N ALA E 133 -25.14 1.81 -13.62
CA ALA E 133 -25.58 0.77 -14.57
C ALA E 133 -27.12 0.69 -14.62
N ARG E 134 -27.83 1.28 -13.65
CA ARG E 134 -29.33 1.32 -13.62
C ARG E 134 -29.86 2.73 -13.87
N GLY E 135 -29.03 3.64 -14.35
CA GLY E 135 -29.45 4.94 -14.89
C GLY E 135 -29.41 6.02 -13.86
N MET E 136 -28.94 5.72 -12.65
CA MET E 136 -28.82 6.78 -11.64
C MET E 136 -27.70 7.70 -12.10
N GLU E 137 -27.90 9.01 -11.95
CA GLU E 137 -26.95 10.07 -12.37
C GLU E 137 -25.74 10.18 -11.44
N ARG E 138 -24.58 10.47 -12.05
CA ARG E 138 -23.30 10.76 -11.37
C ARG E 138 -23.22 12.26 -11.10
N VAL E 139 -22.92 12.66 -9.87
CA VAL E 139 -22.74 14.09 -9.50
C VAL E 139 -21.31 14.25 -8.96
N SER E 140 -20.84 15.48 -8.88
CA SER E 140 -19.55 15.81 -8.22
C SER E 140 -19.88 15.92 -6.73
N PRO E 141 -19.07 15.41 -5.78
CA PRO E 141 -19.40 15.57 -4.36
C PRO E 141 -19.42 17.03 -3.89
N GLU E 142 -18.92 17.97 -4.68
CA GLU E 142 -18.98 19.42 -4.34
C GLU E 142 -20.43 19.88 -4.23
N ILE E 143 -21.42 19.27 -4.91
CA ILE E 143 -22.84 19.67 -4.74
C ILE E 143 -23.26 19.59 -3.26
N PHE E 144 -22.57 18.82 -2.42
CA PHE E 144 -23.02 18.60 -1.02
C PHE E 144 -22.47 19.70 -0.13
N SER E 145 -21.40 20.39 -0.55
CA SER E 145 -20.59 21.29 0.30
C SER E 145 -21.41 22.51 0.73
N THR E 146 -21.16 23.02 1.93
CA THR E 146 -21.79 24.23 2.55
C THR E 146 -20.82 24.88 3.55
N SER E 147 -20.89 26.22 3.69
CA SER E 147 -20.03 27.03 4.58
C SER E 147 -20.28 26.64 6.03
N LEU E 148 -21.54 26.45 6.42
CA LEU E 148 -21.83 26.03 7.82
C LEU E 148 -20.95 24.82 8.12
N ARG E 149 -21.15 23.73 7.38
CA ARG E 149 -20.42 22.46 7.62
C ARG E 149 -18.92 22.69 7.41
N TYR E 150 -18.53 23.48 6.42
CA TYR E 150 -17.09 23.79 6.20
C TYR E 150 -16.55 24.47 7.47
N GLU E 151 -17.24 25.49 7.96
CA GLU E 151 -16.79 26.27 9.15
C GLU E 151 -16.54 25.28 10.28
N GLN E 152 -17.49 24.37 10.51
CA GLN E 152 -17.45 23.41 11.64
C GLN E 152 -16.25 22.46 11.51
N LEU E 153 -15.77 22.19 10.29
CA LEU E 153 -14.55 21.36 10.11
C LEU E 153 -13.33 22.17 10.54
N LEU E 154 -13.24 23.42 10.11
CA LEU E 154 -12.12 24.35 10.47
C LEU E 154 -12.11 24.52 12.00
N ALA E 155 -13.29 24.60 12.62
CA ALA E 155 -13.47 24.72 14.09
C ALA E 155 -12.96 23.44 14.75
N ALA E 156 -13.46 22.29 14.30
CA ALA E 156 -13.21 20.95 14.90
C ALA E 156 -11.71 20.66 14.92
N ARG E 157 -10.95 21.25 13.98
CA ARG E 157 -9.54 20.89 13.69
C ARG E 157 -8.62 21.33 14.84
N THR F 1 -27.19 13.22 10.36
CA THR F 1 -28.09 12.03 10.12
C THR F 1 -29.54 12.53 10.05
N VAL F 2 -30.34 11.94 9.17
CA VAL F 2 -31.80 12.12 9.02
C VAL F 2 -32.46 10.75 8.96
N GLY F 3 -33.77 10.67 9.11
CA GLY F 3 -34.42 9.37 9.25
C GLY F 3 -35.93 9.48 9.17
N ALA F 4 -36.59 8.40 8.82
CA ALA F 4 -38.07 8.39 8.72
C ALA F 4 -38.55 6.98 9.01
N VAL F 5 -39.65 6.91 9.75
CA VAL F 5 -40.39 5.67 10.05
C VAL F 5 -41.85 6.00 9.75
N ALA F 6 -42.59 4.98 9.33
CA ALA F 6 -44.01 5.10 8.93
C ALA F 6 -44.69 3.75 9.14
N LEU F 7 -45.94 3.82 9.58
CA LEU F 7 -46.95 2.74 9.48
C LEU F 7 -48.00 3.24 8.48
N ASP F 8 -48.35 2.42 7.49
CA ASP F 8 -49.25 2.82 6.38
C ASP F 8 -50.66 2.26 6.66
N LEU F 9 -51.61 2.48 5.74
CA LEU F 9 -53.04 2.11 5.91
C LEU F 9 -53.19 0.60 5.81
N ASP F 10 -52.20 -0.10 5.20
CA ASP F 10 -52.25 -1.57 5.04
C ASP F 10 -51.57 -2.26 6.22
N GLY F 11 -51.13 -1.51 7.24
CA GLY F 11 -50.42 -2.06 8.41
C GLY F 11 -48.93 -2.34 8.17
N ASN F 12 -48.29 -1.72 7.16
CA ASN F 12 -46.84 -1.96 6.89
C ASN F 12 -45.97 -0.95 7.63
N LEU F 13 -44.89 -1.44 8.23
CA LEU F 13 -43.82 -0.62 8.85
C LEU F 13 -42.64 -0.52 7.85
N ALA F 14 -41.99 0.65 7.79
CA ALA F 14 -40.74 0.85 7.02
C ALA F 14 -39.87 1.88 7.72
N ALA F 15 -38.57 1.84 7.43
CA ALA F 15 -37.53 2.69 8.07
C ALA F 15 -36.47 3.05 7.04
N ALA F 16 -35.95 4.28 7.12
CA ALA F 16 -34.85 4.76 6.27
C ALA F 16 -34.03 5.76 7.06
N THR F 17 -32.74 5.74 6.78
CA THR F 17 -31.72 6.56 7.47
C THR F 17 -30.71 7.01 6.43
N SER F 18 -30.25 8.25 6.46
CA SER F 18 -29.19 8.72 5.54
C SER F 18 -28.28 9.65 6.32
N THR F 19 -26.98 9.68 6.00
CA THR F 19 -26.07 10.56 6.75
C THR F 19 -24.84 10.93 5.92
N GLY F 20 -24.21 12.02 6.34
CA GLY F 20 -22.84 12.41 5.98
C GLY F 20 -21.83 11.88 6.99
N GLY F 21 -22.28 11.29 8.07
CA GLY F 21 -21.39 10.75 9.12
C GLY F 21 -21.09 11.81 10.18
N THR F 22 -19.85 11.94 10.60
CA THR F 22 -19.43 12.89 11.67
C THR F 22 -18.28 13.75 11.16
N THR F 23 -18.29 15.03 11.55
CA THR F 23 -17.29 16.06 11.17
C THR F 23 -15.90 15.50 11.51
N ASN F 24 -14.98 15.63 10.56
CA ASN F 24 -13.56 15.24 10.73
C ASN F 24 -13.41 13.71 10.76
N LYS F 25 -14.41 12.92 10.32
CA LYS F 25 -14.25 11.45 10.31
C LYS F 25 -13.04 11.11 9.44
N LEU F 26 -12.35 10.07 9.87
CA LEU F 26 -11.38 9.32 9.07
C LEU F 26 -12.11 8.87 7.81
N PRO F 27 -11.54 9.12 6.61
CA PRO F 27 -12.11 8.56 5.39
C PRO F 27 -12.22 7.04 5.51
N GLY F 28 -13.36 6.49 5.11
CA GLY F 28 -13.63 5.04 5.11
C GLY F 28 -14.36 4.59 6.37
N ARG F 29 -14.58 5.52 7.32
CA ARG F 29 -15.30 5.21 8.58
C ARG F 29 -16.77 5.01 8.23
N VAL F 30 -17.36 3.97 8.80
CA VAL F 30 -18.82 3.68 8.64
C VAL F 30 -19.44 3.73 10.02
N GLY F 31 -20.52 4.49 10.17
CA GLY F 31 -21.34 4.52 11.38
C GLY F 31 -22.51 3.57 11.31
N ASP F 32 -23.50 3.75 12.18
CA ASP F 32 -24.64 2.83 12.34
C ASP F 32 -25.64 3.00 11.18
N SER F 33 -25.70 4.17 10.51
CA SER F 33 -26.79 4.53 9.56
C SER F 33 -27.02 3.47 8.49
N PRO F 34 -25.99 2.87 7.84
CA PRO F 34 -26.24 1.94 6.74
C PRO F 34 -26.31 0.50 7.22
N LEU F 35 -26.21 0.26 8.54
CA LEU F 35 -26.12 -1.12 9.05
C LEU F 35 -27.48 -1.52 9.63
N VAL F 36 -28.09 -2.49 8.99
CA VAL F 36 -29.39 -3.08 9.39
C VAL F 36 -29.29 -3.47 10.86
N GLY F 37 -30.23 -3.01 11.68
CA GLY F 37 -30.33 -3.36 13.12
C GLY F 37 -29.50 -2.47 14.01
N ALA F 38 -28.59 -1.67 13.44
CA ALA F 38 -27.85 -0.64 14.19
C ALA F 38 -28.56 0.71 14.04
N GLY F 39 -28.61 1.26 12.83
CA GLY F 39 -29.17 2.62 12.64
C GLY F 39 -30.51 2.59 11.95
N CYS F 40 -30.90 1.42 11.45
CA CYS F 40 -32.12 1.25 10.62
C CYS F 40 -32.66 -0.16 10.79
N TYR F 41 -33.96 -0.31 11.04
CA TYR F 41 -34.62 -1.64 11.16
C TYR F 41 -36.14 -1.45 11.01
N ALA F 42 -36.79 -2.39 10.32
CA ALA F 42 -38.26 -2.43 10.25
C ALA F 42 -38.69 -3.89 10.15
N ASN F 43 -39.71 -4.25 10.93
CA ASN F 43 -40.37 -5.57 10.97
C ASN F 43 -41.85 -5.37 11.36
N ASN F 44 -42.75 -5.71 10.43
CA ASN F 44 -44.23 -5.59 10.58
C ASN F 44 -44.67 -6.20 11.93
N ALA F 45 -44.04 -7.29 12.35
CA ALA F 45 -44.38 -8.00 13.61
C ALA F 45 -43.82 -7.27 14.85
N SER F 46 -43.15 -6.11 14.73
CA SER F 46 -42.45 -5.45 15.86
C SER F 46 -42.51 -3.93 15.72
N VAL F 47 -41.49 -3.33 15.08
CA VAL F 47 -41.21 -1.86 15.13
C VAL F 47 -40.43 -1.44 13.88
N ALA F 48 -40.53 -0.17 13.52
CA ALA F 48 -39.63 0.47 12.55
C ALA F 48 -38.86 1.52 13.35
N VAL F 49 -37.54 1.56 13.16
CA VAL F 49 -36.58 2.40 13.93
C VAL F 49 -35.57 3.06 12.99
N SER F 50 -35.29 4.34 13.22
CA SER F 50 -34.16 5.08 12.62
C SER F 50 -33.46 5.86 13.75
N CYS F 51 -32.13 5.77 13.81
CA CYS F 51 -31.30 6.34 14.90
C CYS F 51 -30.46 7.51 14.41
N THR F 52 -29.94 8.28 15.38
CA THR F 52 -29.01 9.41 15.17
C THR F 52 -28.13 9.52 16.40
N GLY F 53 -26.84 9.80 16.21
CA GLY F 53 -25.87 10.11 17.28
C GLY F 53 -24.52 9.47 17.05
N THR F 54 -23.86 9.07 18.14
CA THR F 54 -22.48 8.53 18.14
C THR F 54 -22.57 7.10 17.58
N GLY F 55 -22.43 6.97 16.26
CA GLY F 55 -22.74 5.73 15.51
C GLY F 55 -22.04 4.52 16.10
N GLU F 56 -20.78 4.65 16.50
CA GLU F 56 -19.97 3.53 17.03
C GLU F 56 -20.75 2.81 18.13
N VAL F 57 -21.36 3.55 19.06
CA VAL F 57 -22.07 2.91 20.20
C VAL F 57 -23.36 2.27 19.70
N PHE F 58 -24.06 2.90 18.74
CA PHE F 58 -25.30 2.32 18.17
C PHE F 58 -24.97 0.98 17.50
N ILE F 59 -23.78 0.84 16.90
CA ILE F 59 -23.35 -0.45 16.30
C ILE F 59 -23.12 -1.50 17.41
N ARG F 60 -22.27 -1.17 18.38
CA ARG F 60 -21.87 -2.15 19.42
C ARG F 60 -23.11 -2.65 20.17
N ALA F 61 -24.13 -1.80 20.36
CA ALA F 61 -25.37 -2.10 21.11
C ALA F 61 -26.53 -2.53 20.18
N LEU F 62 -26.35 -2.57 18.86
CA LEU F 62 -27.42 -2.89 17.87
C LEU F 62 -28.70 -2.14 18.25
N ALA F 63 -28.58 -0.82 18.46
CA ALA F 63 -29.66 0.04 19.03
C ALA F 63 -31.00 -0.24 18.36
N ALA F 64 -31.08 -0.20 17.02
CA ALA F 64 -32.35 -0.36 16.30
C ALA F 64 -32.97 -1.74 16.58
N TYR F 65 -32.22 -2.83 16.41
CA TYR F 65 -32.79 -4.18 16.55
C TYR F 65 -33.12 -4.46 18.01
N ASP F 66 -32.33 -3.90 18.93
CA ASP F 66 -32.52 -4.14 20.37
C ASP F 66 -33.89 -3.59 20.80
N ILE F 67 -34.35 -2.45 20.24
CA ILE F 67 -35.74 -1.95 20.45
C ILE F 67 -36.74 -3.07 20.11
N ALA F 68 -36.63 -3.66 18.91
CA ALA F 68 -37.49 -4.76 18.43
C ALA F 68 -37.41 -5.96 19.37
N ALA F 69 -36.19 -6.37 19.79
CA ALA F 69 -35.94 -7.60 20.54
C ALA F 69 -36.50 -7.48 21.97
N LEU F 70 -36.20 -6.36 22.63
CA LEU F 70 -36.73 -6.03 23.96
C LEU F 70 -38.27 -6.12 23.92
N MET F 71 -38.90 -5.71 22.81
CA MET F 71 -40.38 -5.76 22.66
C MET F 71 -40.82 -7.21 22.38
N ASP F 72 -40.37 -7.79 21.27
CA ASP F 72 -40.79 -9.13 20.78
C ASP F 72 -40.52 -10.21 21.83
N TYR F 73 -39.33 -10.23 22.44
CA TYR F 73 -38.84 -11.34 23.29
C TYR F 73 -39.00 -10.98 24.77
N GLY F 74 -38.83 -9.72 25.14
CA GLY F 74 -38.82 -9.27 26.55
C GLY F 74 -40.15 -8.66 26.99
N GLY F 75 -41.15 -8.60 26.11
CA GLY F 75 -42.50 -8.08 26.42
C GLY F 75 -42.57 -6.57 26.54
N LEU F 76 -41.45 -5.84 26.51
CA LEU F 76 -41.47 -4.40 26.89
C LEU F 76 -42.41 -3.65 25.95
N SER F 77 -43.02 -2.56 26.43
CA SER F 77 -43.76 -1.61 25.57
C SER F 77 -42.73 -0.81 24.77
N LEU F 78 -43.16 -0.15 23.70
CA LEU F 78 -42.27 0.75 22.90
C LEU F 78 -41.64 1.77 23.85
N ALA F 79 -42.47 2.49 24.62
CA ALA F 79 -41.99 3.51 25.59
C ALA F 79 -40.88 2.89 26.45
N GLU F 80 -41.06 1.65 26.91
CA GLU F 80 -40.17 0.96 27.88
C GLU F 80 -38.86 0.57 27.19
N ALA F 81 -38.94 -0.03 26.01
CA ALA F 81 -37.77 -0.41 25.17
C ALA F 81 -36.95 0.85 24.86
N CYS F 82 -37.61 1.91 24.41
CA CYS F 82 -36.98 3.21 24.10
C CYS F 82 -36.26 3.78 25.32
N GLU F 83 -36.89 3.74 26.51
CA GLU F 83 -36.24 4.24 27.76
C GLU F 83 -34.98 3.41 28.04
N ARG F 84 -35.11 2.09 28.08
CA ARG F 84 -34.02 1.14 28.39
C ARG F 84 -32.82 1.41 27.44
N VAL F 85 -33.09 1.51 26.14
CA VAL F 85 -32.03 1.61 25.10
C VAL F 85 -31.40 3.02 25.14
N VAL F 86 -32.20 4.08 24.97
CA VAL F 86 -31.70 5.46 24.76
C VAL F 86 -31.25 6.07 26.08
N MET F 87 -32.00 5.86 27.17
CA MET F 87 -31.70 6.57 28.45
C MET F 87 -30.84 5.71 29.37
N GLU F 88 -30.69 4.40 29.16
CA GLU F 88 -29.92 3.50 30.06
C GLU F 88 -28.71 2.85 29.35
N LYS F 89 -28.94 1.97 28.37
CA LYS F 89 -27.85 1.13 27.76
C LYS F 89 -26.91 2.00 26.92
N LEU F 90 -27.41 2.92 26.08
CA LEU F 90 -26.51 3.73 25.23
C LEU F 90 -25.65 4.62 26.11
N PRO F 91 -26.20 5.34 27.12
CA PRO F 91 -25.35 6.12 28.03
C PRO F 91 -24.32 5.26 28.79
N ALA F 92 -24.63 4.00 29.10
CA ALA F 92 -23.67 3.10 29.83
C ALA F 92 -22.40 2.84 28.98
N LEU F 93 -22.47 2.96 27.65
CA LEU F 93 -21.31 2.67 26.76
C LEU F 93 -20.68 3.95 26.22
N GLY F 94 -21.08 5.13 26.70
CA GLY F 94 -20.54 6.42 26.22
C GLY F 94 -21.33 6.93 25.03
N GLY F 95 -22.53 6.44 24.80
CA GLY F 95 -23.30 6.74 23.59
C GLY F 95 -24.25 7.90 23.80
N SER F 96 -24.34 8.81 22.84
CA SER F 96 -25.26 9.95 22.91
C SER F 96 -25.99 10.10 21.58
N GLY F 97 -27.31 10.17 21.67
CA GLY F 97 -28.16 10.54 20.54
C GLY F 97 -29.62 10.23 20.85
N GLY F 98 -30.33 9.77 19.83
CA GLY F 98 -31.73 9.34 19.95
C GLY F 98 -32.17 8.53 18.75
N LEU F 99 -33.46 8.23 18.70
CA LEU F 99 -34.07 7.50 17.56
C LEU F 99 -35.55 7.89 17.47
N ILE F 100 -36.13 7.56 16.32
CA ILE F 100 -37.60 7.56 16.11
C ILE F 100 -38.02 6.11 15.90
N ALA F 101 -39.19 5.74 16.41
CA ALA F 101 -39.74 4.36 16.40
C ALA F 101 -41.26 4.44 16.33
N ILE F 102 -41.86 3.52 15.58
CA ILE F 102 -43.33 3.29 15.47
C ILE F 102 -43.52 1.79 15.58
N ASP F 103 -44.31 1.30 16.55
CA ASP F 103 -44.62 -0.15 16.68
C ASP F 103 -45.80 -0.47 15.76
N HIS F 104 -46.14 -1.76 15.66
CA HIS F 104 -47.20 -2.31 14.78
C HIS F 104 -48.58 -1.82 15.24
N GLU F 105 -48.72 -1.33 16.48
CA GLU F 105 -50.01 -0.83 17.04
C GLU F 105 -50.10 0.70 16.94
N GLY F 106 -49.13 1.36 16.30
CA GLY F 106 -49.22 2.78 15.91
C GLY F 106 -48.68 3.71 16.98
N ASN F 107 -48.08 3.18 18.05
CA ASN F 107 -47.41 4.02 19.07
C ASN F 107 -46.18 4.67 18.43
N VAL F 108 -45.76 5.81 18.94
CA VAL F 108 -44.71 6.70 18.37
C VAL F 108 -43.83 7.16 19.53
N ALA F 109 -42.52 7.05 19.36
CA ALA F 109 -41.53 7.44 20.38
C ALA F 109 -40.41 8.20 19.68
N LEU F 110 -39.93 9.28 20.30
CA LEU F 110 -38.85 10.14 19.80
C LEU F 110 -37.87 10.39 20.94
N PRO F 111 -37.33 9.32 21.55
CA PRO F 111 -36.40 9.49 22.66
C PRO F 111 -35.05 10.05 22.21
N PHE F 112 -34.43 10.88 23.08
CA PHE F 112 -33.05 11.37 22.90
C PHE F 112 -32.47 11.85 24.23
N ASN F 113 -31.20 11.55 24.47
CA ASN F 113 -30.44 11.87 25.71
C ASN F 113 -29.54 13.09 25.47
N THR F 114 -29.70 13.77 24.33
CA THR F 114 -28.95 14.99 23.99
C THR F 114 -29.79 16.24 24.32
N GLU F 115 -29.16 17.42 24.30
CA GLU F 115 -29.83 18.73 24.50
C GLU F 115 -30.94 18.89 23.46
N GLY F 116 -30.81 18.26 22.28
CA GLY F 116 -31.80 18.43 21.20
C GLY F 116 -31.83 17.29 20.20
N MET F 117 -32.95 17.18 19.50
CA MET F 117 -33.13 16.34 18.29
C MET F 117 -34.15 17.03 17.37
N TYR F 118 -33.69 17.44 16.19
CA TYR F 118 -34.59 17.95 15.14
C TYR F 118 -35.56 16.81 14.84
N ARG F 119 -36.86 17.05 14.97
CA ARG F 119 -37.85 15.95 14.85
C ARG F 119 -39.25 16.48 14.56
N ALA F 120 -40.08 15.60 14.04
CA ALA F 120 -41.49 15.88 13.76
C ALA F 120 -42.21 14.54 13.57
N TRP F 121 -43.50 14.53 13.88
CA TRP F 121 -44.41 13.36 13.77
C TRP F 121 -45.84 13.89 13.67
N GLY F 122 -46.73 13.03 13.18
CA GLY F 122 -48.13 13.33 12.88
C GLY F 122 -48.82 12.07 12.38
N TYR F 123 -49.97 11.76 12.95
CA TYR F 123 -50.90 10.71 12.45
C TYR F 123 -51.50 11.22 11.12
N ALA F 124 -51.86 10.31 10.23
CA ALA F 124 -52.66 10.64 9.02
C ALA F 124 -53.90 11.42 9.49
N GLY F 125 -54.14 12.61 8.93
CA GLY F 125 -55.34 13.43 9.20
C GLY F 125 -55.11 14.51 10.24
N ASP F 126 -54.36 14.22 11.32
CA ASP F 126 -54.16 15.17 12.46
C ASP F 126 -53.15 16.24 12.03
N THR F 127 -52.81 17.17 12.92
CA THR F 127 -51.80 18.23 12.67
C THR F 127 -50.45 17.77 13.25
N PRO F 128 -49.33 18.03 12.56
CA PRO F 128 -48.03 17.51 13.00
C PRO F 128 -47.47 18.30 14.19
N THR F 129 -46.62 17.65 14.98
CA THR F 129 -45.80 18.27 16.06
C THR F 129 -44.35 18.37 15.57
N THR F 130 -43.67 19.50 15.81
CA THR F 130 -42.25 19.71 15.47
C THR F 130 -41.51 19.98 16.79
N GLY F 131 -40.38 19.32 17.02
CA GLY F 131 -39.49 19.53 18.17
C GLY F 131 -38.07 19.84 17.73
N ILE F 132 -37.37 20.67 18.50
CA ILE F 132 -35.88 20.80 18.49
C ILE F 132 -35.35 20.45 19.87
N TYR F 133 -35.87 21.08 20.94
CA TYR F 133 -35.29 20.97 22.31
C TYR F 133 -36.05 19.88 23.10
N ARG F 134 -35.68 19.74 24.39
CA ARG F 134 -36.30 18.77 25.35
C ARG F 134 -37.76 19.16 25.64
N GLU F 135 -38.57 18.21 26.11
CA GLU F 135 -40.02 18.35 26.48
C GLU F 135 -40.88 18.10 25.23
N LYS G 3 -15.25 -24.83 31.63
CA LYS G 3 -14.08 -23.88 31.69
C LYS G 3 -13.78 -23.39 30.26
N ALA G 4 -12.53 -23.01 30.00
CA ALA G 4 -12.07 -22.39 28.73
C ALA G 4 -12.32 -23.34 27.55
N VAL G 5 -12.80 -22.80 26.42
CA VAL G 5 -13.20 -23.60 25.24
C VAL G 5 -13.15 -22.69 23.98
N ILE G 6 -12.89 -23.32 22.84
CA ILE G 6 -12.78 -22.63 21.52
C ILE G 6 -13.62 -23.46 20.56
N ALA G 7 -14.26 -22.77 19.63
CA ALA G 7 -14.80 -23.40 18.41
C ALA G 7 -14.32 -22.57 17.19
N ILE G 8 -14.10 -23.24 16.08
CA ILE G 8 -13.72 -22.56 14.80
C ILE G 8 -14.57 -23.12 13.70
N HIS G 9 -14.69 -22.38 12.60
CA HIS G 9 -15.34 -22.88 11.37
C HIS G 9 -14.56 -22.36 10.17
N GLY G 10 -14.66 -23.07 9.07
CA GLY G 10 -14.09 -22.66 7.77
C GLY G 10 -15.12 -22.67 6.67
N GLY G 11 -16.40 -22.46 6.95
CA GLY G 11 -17.42 -22.28 5.90
C GLY G 11 -18.47 -23.39 5.90
N ALA G 12 -19.73 -23.03 5.74
CA ALA G 12 -20.89 -23.92 5.61
C ALA G 12 -21.37 -23.83 4.16
N GLY G 13 -21.76 -24.94 3.54
CA GLY G 13 -22.12 -24.86 2.12
C GLY G 13 -22.40 -26.22 1.54
N ALA G 14 -22.42 -26.28 0.20
CA ALA G 14 -22.71 -27.56 -0.51
C ALA G 14 -21.44 -28.43 -0.49
N ILE G 15 -20.81 -28.59 0.68
CA ILE G 15 -19.63 -29.49 0.72
C ILE G 15 -20.19 -30.81 0.23
N SER G 16 -19.69 -31.33 -0.88
CA SER G 16 -20.34 -32.55 -1.46
C SER G 16 -19.40 -33.75 -1.37
N ARG G 17 -19.83 -34.85 -0.74
CA ARG G 17 -18.96 -36.06 -0.69
C ARG G 17 -18.74 -36.60 -2.11
N ALA G 18 -19.61 -36.24 -3.07
CA ALA G 18 -19.56 -36.67 -4.49
C ALA G 18 -18.67 -35.74 -5.33
N GLN G 19 -18.18 -34.63 -4.76
CA GLN G 19 -17.20 -33.72 -5.44
C GLN G 19 -15.82 -33.90 -4.80
N MET G 20 -15.76 -34.23 -3.52
CA MET G 20 -14.52 -34.22 -2.70
C MET G 20 -13.88 -35.62 -2.69
N SER G 21 -12.55 -35.68 -2.77
CA SER G 21 -11.70 -36.88 -2.57
C SER G 21 -11.34 -37.01 -1.08
N LEU G 22 -11.18 -38.27 -0.62
CA LEU G 22 -10.71 -38.58 0.74
C LEU G 22 -9.48 -37.72 1.06
N GLN G 23 -8.52 -37.64 0.14
CA GLN G 23 -7.24 -36.94 0.43
C GLN G 23 -7.57 -35.48 0.78
N GLN G 24 -8.54 -34.89 0.06
CA GLN G 24 -9.03 -33.50 0.29
C GLN G 24 -9.64 -33.39 1.69
N GLU G 25 -10.57 -34.29 1.99
CA GLU G 25 -11.22 -34.34 3.31
C GLU G 25 -10.14 -34.38 4.40
N LEU G 26 -9.05 -35.12 4.14
CA LEU G 26 -8.03 -35.36 5.18
C LEU G 26 -7.27 -34.06 5.42
N ARG G 27 -6.98 -33.31 4.35
CA ARG G 27 -6.25 -32.02 4.47
C ARG G 27 -7.08 -31.00 5.27
N TYR G 28 -8.40 -31.02 5.09
CA TYR G 28 -9.34 -30.15 5.83
C TYR G 28 -9.34 -30.53 7.31
N ILE G 29 -9.51 -31.82 7.58
CA ILE G 29 -9.46 -32.37 8.98
C ILE G 29 -8.12 -31.97 9.63
N GLU G 30 -7.00 -32.21 8.96
CA GLU G 30 -5.65 -31.82 9.48
C GLU G 30 -5.62 -30.32 9.79
N ALA G 31 -6.05 -29.46 8.85
CA ALA G 31 -5.96 -28.00 9.01
C ALA G 31 -6.85 -27.58 10.19
N LEU G 32 -8.08 -28.10 10.27
CA LEU G 32 -9.01 -27.77 11.38
C LEU G 32 -8.41 -28.21 12.73
N SER G 33 -7.74 -29.35 12.76
CA SER G 33 -7.24 -29.94 14.04
C SER G 33 -6.03 -29.15 14.53
N ALA G 34 -5.08 -28.86 13.63
CA ALA G 34 -3.90 -28.01 13.99
C ALA G 34 -4.35 -26.64 14.52
N ILE G 35 -5.41 -26.04 13.94
CA ILE G 35 -5.79 -24.67 14.34
C ILE G 35 -6.53 -24.70 15.68
N VAL G 36 -7.49 -25.61 15.84
CA VAL G 36 -8.26 -25.69 17.12
C VAL G 36 -7.28 -26.03 18.27
N GLU G 37 -6.26 -26.85 17.99
CA GLU G 37 -5.22 -27.24 18.99
C GLU G 37 -4.42 -26.02 19.43
N THR G 38 -4.02 -25.14 18.50
CA THR G 38 -3.26 -23.90 18.81
C THR G 38 -4.13 -23.03 19.73
N GLY G 39 -5.42 -22.89 19.40
CA GLY G 39 -6.38 -22.13 20.21
C GLY G 39 -6.44 -22.68 21.64
N GLN G 40 -6.60 -24.01 21.76
CA GLN G 40 -6.68 -24.75 23.05
C GLN G 40 -5.45 -24.44 23.91
N LYS G 41 -4.26 -24.64 23.34
CA LYS G 41 -2.97 -24.38 24.05
C LYS G 41 -2.95 -22.92 24.52
N MET G 42 -3.36 -21.99 23.68
CA MET G 42 -3.29 -20.58 24.11
C MET G 42 -4.25 -20.43 25.30
N LEU G 43 -5.47 -20.99 25.21
CA LEU G 43 -6.48 -20.84 26.30
C LEU G 43 -5.90 -21.44 27.59
N GLU G 44 -5.30 -22.61 27.49
CA GLU G 44 -4.77 -23.29 28.70
C GLU G 44 -3.55 -22.52 29.25
N ALA G 45 -2.80 -21.75 28.46
CA ALA G 45 -1.68 -20.90 28.94
C ALA G 45 -2.14 -19.54 29.47
N GLY G 46 -3.46 -19.25 29.48
CA GLY G 46 -4.00 -18.02 30.08
C GLY G 46 -4.09 -16.87 29.08
N GLU G 47 -4.03 -17.15 27.78
CA GLU G 47 -4.24 -16.11 26.74
C GLU G 47 -5.69 -15.59 26.79
N SER G 48 -5.90 -14.33 26.40
CA SER G 48 -7.25 -13.73 26.37
C SER G 48 -8.11 -14.38 25.28
N ALA G 49 -9.44 -14.35 25.43
CA ALA G 49 -10.34 -14.94 24.41
C ALA G 49 -10.17 -14.13 23.12
N LEU G 50 -9.99 -12.82 23.25
CA LEU G 50 -9.76 -11.88 22.13
C LEU G 50 -8.50 -12.33 21.36
N ASP G 51 -7.39 -12.55 22.06
CA ASP G 51 -6.14 -12.96 21.40
C ASP G 51 -6.32 -14.32 20.74
N VAL G 52 -7.06 -15.24 21.36
CA VAL G 52 -7.29 -16.60 20.80
C VAL G 52 -8.10 -16.53 19.50
N VAL G 53 -9.19 -15.75 19.42
CA VAL G 53 -10.06 -15.77 18.20
C VAL G 53 -9.28 -15.09 17.06
N THR G 54 -8.50 -14.07 17.43
CA THR G 54 -7.72 -13.26 16.47
C THR G 54 -6.73 -14.24 15.81
N GLU G 55 -6.03 -15.00 16.64
CA GLU G 55 -4.97 -15.92 16.14
C GLU G 55 -5.60 -17.07 15.34
N ALA G 56 -6.73 -17.63 15.78
CA ALA G 56 -7.35 -18.75 15.06
C ALA G 56 -7.81 -18.28 13.66
N VAL G 57 -8.37 -17.08 13.57
CA VAL G 57 -8.88 -16.55 12.27
C VAL G 57 -7.67 -16.18 11.42
N ARG G 58 -6.62 -15.61 12.02
CA ARG G 58 -5.38 -15.35 11.26
C ARG G 58 -4.92 -16.67 10.61
N LEU G 59 -4.94 -17.78 11.33
CA LEU G 59 -4.45 -19.07 10.77
C LEU G 59 -5.41 -19.59 9.69
N LEU G 60 -6.71 -19.44 9.86
CA LEU G 60 -7.72 -19.83 8.84
C LEU G 60 -7.61 -18.92 7.57
N GLU G 61 -7.23 -17.65 7.76
CA GLU G 61 -6.91 -16.72 6.64
C GLU G 61 -5.70 -17.27 5.87
N GLU G 62 -4.62 -17.56 6.60
CA GLU G 62 -3.34 -18.02 5.97
C GLU G 62 -3.54 -19.35 5.23
N CYS G 63 -4.45 -20.19 5.69
CA CYS G 63 -4.61 -21.54 5.09
C CYS G 63 -5.37 -21.44 3.78
N PRO G 64 -4.80 -21.85 2.64
CA PRO G 64 -5.44 -21.66 1.34
C PRO G 64 -6.74 -22.43 1.05
N LEU G 65 -7.08 -23.39 1.91
CA LEU G 65 -8.26 -24.26 1.71
C LEU G 65 -9.51 -23.46 2.02
N PHE G 66 -9.39 -22.39 2.81
CA PHE G 66 -10.60 -21.68 3.32
C PHE G 66 -10.65 -20.30 2.67
N ASN G 67 -11.88 -19.90 2.39
CA ASN G 67 -12.30 -18.65 1.73
C ASN G 67 -12.21 -17.51 2.74
N ALA G 68 -10.99 -17.06 2.97
CA ALA G 68 -10.63 -15.93 3.83
C ALA G 68 -9.15 -15.73 3.60
N GLY G 69 -8.68 -14.49 3.51
CA GLY G 69 -7.25 -14.28 3.24
C GLY G 69 -6.83 -15.10 2.03
N ILE G 70 -5.69 -15.77 2.13
CA ILE G 70 -5.17 -16.66 1.05
C ILE G 70 -6.20 -17.76 0.80
N GLY G 71 -6.67 -17.87 -0.43
CA GLY G 71 -7.76 -18.78 -0.78
C GLY G 71 -9.10 -18.08 -0.92
N ALA G 72 -9.13 -16.76 -0.85
CA ALA G 72 -10.37 -15.96 -1.03
C ALA G 72 -10.96 -16.28 -2.40
N VAL G 73 -12.28 -16.35 -2.46
CA VAL G 73 -13.01 -16.44 -3.75
C VAL G 73 -12.79 -15.15 -4.56
N PHE G 74 -13.12 -15.23 -5.84
CA PHE G 74 -13.03 -14.16 -6.85
C PHE G 74 -14.37 -13.45 -7.01
N THR G 75 -14.30 -12.15 -7.18
CA THR G 75 -15.45 -11.31 -7.58
C THR G 75 -15.78 -11.59 -9.06
N ARG G 76 -16.91 -11.06 -9.51
CA ARG G 76 -17.28 -11.00 -10.96
C ARG G 76 -16.12 -10.46 -11.81
N ASP G 77 -15.23 -9.61 -11.27
CA ASP G 77 -14.16 -8.98 -12.06
C ASP G 77 -12.82 -9.67 -11.83
N GLU G 78 -12.80 -10.88 -11.29
CA GLU G 78 -11.57 -11.66 -10.99
C GLU G 78 -10.69 -10.87 -10.03
N THR G 79 -11.30 -10.20 -9.04
CA THR G 79 -10.56 -9.52 -7.94
C THR G 79 -10.89 -10.24 -6.63
N HIS G 80 -10.20 -9.86 -5.58
CA HIS G 80 -10.47 -10.26 -4.18
C HIS G 80 -10.84 -9.00 -3.39
N GLU G 81 -11.96 -9.07 -2.68
CA GLU G 81 -12.44 -8.03 -1.74
C GLU G 81 -12.74 -8.78 -0.45
N LEU G 82 -12.00 -8.47 0.59
CA LEU G 82 -12.03 -9.24 1.87
C LEU G 82 -12.72 -8.44 2.98
N ASP G 83 -13.37 -9.13 3.93
CA ASP G 83 -14.14 -8.53 5.04
C ASP G 83 -13.78 -9.31 6.33
N ALA G 84 -13.77 -8.64 7.47
CA ALA G 84 -13.53 -9.30 8.77
C ALA G 84 -14.07 -8.45 9.91
N CYS G 85 -14.35 -9.13 11.02
CA CYS G 85 -14.87 -8.51 12.26
C CYS G 85 -14.25 -9.24 13.44
N VAL G 86 -14.11 -8.53 14.55
N VAL G 86 -14.01 -8.49 14.51
CA VAL G 86 -13.68 -9.09 15.86
CA VAL G 86 -13.67 -9.02 15.86
C VAL G 86 -14.35 -8.26 16.95
C VAL G 86 -14.54 -8.27 16.87
N MET G 87 -14.94 -8.94 17.94
CA MET G 87 -15.72 -8.32 19.02
C MET G 87 -15.23 -8.90 20.35
N ASP G 88 -15.00 -8.01 21.29
CA ASP G 88 -14.54 -8.35 22.68
C ASP G 88 -15.77 -8.27 23.61
N GLY G 89 -16.23 -9.41 24.10
CA GLY G 89 -17.44 -9.51 24.94
C GLY G 89 -17.29 -8.86 26.32
N ASN G 90 -16.06 -8.49 26.74
CA ASN G 90 -15.76 -7.90 28.07
C ASN G 90 -16.04 -6.39 27.99
N THR G 91 -15.60 -5.73 26.92
CA THR G 91 -15.76 -4.28 26.71
C THR G 91 -16.90 -3.96 25.76
N LEU G 92 -17.39 -4.95 25.00
CA LEU G 92 -18.29 -4.74 23.84
C LEU G 92 -17.65 -3.82 22.78
N LYS G 93 -16.33 -3.69 22.79
CA LYS G 93 -15.60 -3.05 21.68
C LYS G 93 -15.63 -4.03 20.48
N ALA G 94 -15.57 -3.49 19.28
CA ALA G 94 -15.58 -4.27 18.03
C ALA G 94 -14.75 -3.51 17.00
N GLY G 95 -14.11 -4.24 16.09
CA GLY G 95 -13.44 -3.67 14.93
C GLY G 95 -13.82 -4.44 13.68
N ALA G 96 -14.00 -3.78 12.55
CA ALA G 96 -14.35 -4.48 11.29
C ALA G 96 -13.77 -3.69 10.12
N VAL G 97 -13.38 -4.43 9.08
CA VAL G 97 -13.00 -3.91 7.74
C VAL G 97 -13.83 -4.60 6.69
N ALA G 98 -14.21 -3.89 5.64
CA ALA G 98 -14.87 -4.54 4.49
C ALA G 98 -14.28 -3.95 3.21
N GLY G 99 -14.25 -4.76 2.17
CA GLY G 99 -13.82 -4.31 0.83
C GLY G 99 -12.33 -4.04 0.79
N VAL G 100 -11.50 -4.77 1.51
CA VAL G 100 -10.03 -4.54 1.50
C VAL G 100 -9.35 -5.58 0.59
N SER G 101 -8.35 -5.13 -0.17
CA SER G 101 -7.62 -5.92 -1.21
C SER G 101 -6.10 -5.93 -0.98
N HIS G 102 -5.57 -4.99 -0.21
CA HIS G 102 -4.10 -4.78 -0.12
C HIS G 102 -3.59 -5.06 1.29
N LEU G 103 -4.40 -5.73 2.12
CA LEU G 103 -3.97 -6.18 3.48
C LEU G 103 -3.95 -7.71 3.55
N ARG G 104 -2.87 -8.30 4.02
CA ARG G 104 -2.72 -9.79 4.02
C ARG G 104 -3.75 -10.45 4.96
N ASN G 105 -3.96 -9.88 6.14
CA ASN G 105 -4.81 -10.48 7.19
C ASN G 105 -5.91 -9.51 7.61
N PRO G 106 -7.10 -9.54 6.98
CA PRO G 106 -8.20 -8.67 7.38
C PRO G 106 -8.53 -8.68 8.88
N VAL G 107 -8.44 -9.83 9.55
CA VAL G 107 -8.82 -9.92 10.98
C VAL G 107 -7.85 -9.08 11.81
N LEU G 108 -6.57 -9.03 11.44
CA LEU G 108 -5.60 -8.13 12.11
C LEU G 108 -5.91 -6.66 11.84
N ALA G 109 -6.35 -6.31 10.62
CA ALA G 109 -6.77 -4.92 10.32
C ALA G 109 -7.98 -4.61 11.20
N ALA G 110 -8.93 -5.54 11.33
CA ALA G 110 -10.15 -5.37 12.16
C ALA G 110 -9.76 -5.11 13.62
N ARG G 111 -8.85 -5.90 14.15
CA ARG G 111 -8.34 -5.72 15.53
C ARG G 111 -7.68 -4.33 15.66
N LEU G 112 -6.93 -3.89 14.65
CA LEU G 112 -6.31 -2.54 14.61
C LEU G 112 -7.39 -1.44 14.67
N VAL G 113 -8.51 -1.60 13.96
CA VAL G 113 -9.62 -0.62 13.99
C VAL G 113 -10.16 -0.52 15.44
N MET G 114 -10.33 -1.66 16.07
CA MET G 114 -10.86 -1.74 17.44
C MET G 114 -9.90 -0.99 18.38
N GLU G 115 -8.61 -1.31 18.32
CA GLU G 115 -7.62 -0.95 19.37
C GLU G 115 -6.98 0.42 19.14
N GLN G 116 -6.76 0.84 17.89
CA GLN G 116 -5.96 2.05 17.58
C GLN G 116 -6.78 3.07 16.80
N SER G 117 -8.11 3.00 16.88
CA SER G 117 -9.03 4.05 16.36
C SER G 117 -10.17 4.20 17.37
N PRO G 118 -10.94 5.30 17.35
CA PRO G 118 -12.18 5.37 18.11
C PRO G 118 -13.36 4.74 17.33
N HIS G 119 -13.12 4.25 16.09
CA HIS G 119 -14.16 3.74 15.15
C HIS G 119 -14.40 2.25 15.30
N VAL G 120 -15.52 1.76 14.76
CA VAL G 120 -15.88 0.32 14.79
C VAL G 120 -15.67 -0.31 13.40
N MET G 121 -16.03 0.42 12.33
CA MET G 121 -15.98 -0.16 10.97
C MET G 121 -15.33 0.81 9.99
N MET G 122 -14.39 0.29 9.21
CA MET G 122 -13.65 1.00 8.14
CA MET G 122 -13.73 1.04 8.11
C MET G 122 -13.77 0.21 6.82
N ILE G 123 -13.92 0.91 5.70
CA ILE G 123 -14.07 0.23 4.40
C ILE G 123 -13.00 0.68 3.41
N GLY G 124 -12.64 -0.22 2.49
CA GLY G 124 -11.94 0.10 1.23
C GLY G 124 -10.61 0.77 1.46
N GLU G 125 -10.33 1.77 0.65
CA GLU G 125 -9.01 2.45 0.63
C GLU G 125 -8.76 3.17 1.95
N GLY G 126 -9.80 3.75 2.55
CA GLY G 126 -9.68 4.42 3.86
C GLY G 126 -9.24 3.44 4.92
N ALA G 127 -9.83 2.25 4.95
CA ALA G 127 -9.43 1.15 5.87
C ALA G 127 -7.95 0.83 5.61
N GLU G 128 -7.58 0.67 4.35
CA GLU G 128 -6.19 0.27 3.96
C GLU G 128 -5.22 1.37 4.41
N ASN G 129 -5.50 2.63 4.07
CA ASN G 129 -4.60 3.76 4.40
C ASN G 129 -4.47 3.89 5.92
N PHE G 130 -5.55 3.75 6.65
CA PHE G 130 -5.48 3.78 8.13
C PHE G 130 -4.49 2.70 8.62
N ALA G 131 -4.60 1.49 8.09
CA ALA G 131 -3.79 0.33 8.53
C ALA G 131 -2.32 0.54 8.13
N PHE G 132 -2.08 1.05 6.92
CA PHE G 132 -0.68 1.31 6.46
C PHE G 132 -0.05 2.36 7.39
N ALA G 133 -0.78 3.41 7.79
CA ALA G 133 -0.24 4.49 8.66
C ALA G 133 0.08 3.91 10.04
N ARG G 134 -0.47 2.75 10.41
CA ARG G 134 -0.12 2.12 11.71
C ARG G 134 0.86 0.97 11.50
N GLY G 135 1.49 0.87 10.33
CA GLY G 135 2.64 -0.05 10.13
C GLY G 135 2.25 -1.38 9.50
N MET G 136 0.98 -1.62 9.15
CA MET G 136 0.61 -2.85 8.42
C MET G 136 1.10 -2.72 6.96
N GLU G 137 1.56 -3.81 6.34
CA GLU G 137 2.22 -3.74 5.01
C GLU G 137 1.22 -3.81 3.86
N ARG G 138 1.55 -3.14 2.76
CA ARG G 138 0.81 -3.18 1.49
C ARG G 138 1.13 -4.51 0.79
N VAL G 139 0.12 -5.24 0.32
CA VAL G 139 0.34 -6.49 -0.45
C VAL G 139 -0.44 -6.37 -1.76
N SER G 140 -0.04 -7.17 -2.74
CA SER G 140 -0.76 -7.40 -3.99
C SER G 140 -1.81 -8.45 -3.74
N PRO G 141 -3.11 -8.25 -4.10
CA PRO G 141 -4.10 -9.31 -3.95
C PRO G 141 -3.84 -10.56 -4.79
N GLU G 142 -2.85 -10.52 -5.67
CA GLU G 142 -2.38 -11.74 -6.38
C GLU G 142 -2.04 -12.81 -5.33
N ILE G 143 -1.57 -12.45 -4.13
CA ILE G 143 -1.18 -13.47 -3.11
C ILE G 143 -2.39 -14.32 -2.70
N PHE G 144 -3.63 -13.84 -2.87
CA PHE G 144 -4.82 -14.55 -2.37
C PHE G 144 -5.25 -15.57 -3.40
N SER G 145 -4.80 -15.47 -4.65
CA SER G 145 -5.37 -16.22 -5.80
C SER G 145 -4.94 -17.68 -5.76
N THR G 146 -5.88 -18.61 -5.99
CA THR G 146 -5.65 -20.08 -6.09
C THR G 146 -6.42 -20.62 -7.30
N SER G 147 -5.90 -21.68 -7.93
CA SER G 147 -6.53 -22.35 -9.10
C SER G 147 -7.93 -22.83 -8.70
N LEU G 148 -8.03 -23.42 -7.51
CA LEU G 148 -9.32 -23.96 -7.03
C LEU G 148 -10.39 -22.85 -7.10
N ARG G 149 -10.13 -21.65 -6.60
CA ARG G 149 -11.21 -20.64 -6.55
C ARG G 149 -11.45 -20.08 -7.95
N TYR G 150 -10.43 -20.08 -8.79
CA TYR G 150 -10.56 -19.59 -10.19
C TYR G 150 -11.48 -20.55 -10.95
N GLU G 151 -11.27 -21.87 -10.81
N GLU G 151 -11.21 -21.86 -10.81
CA GLU G 151 -12.09 -22.88 -11.54
CA GLU G 151 -12.02 -22.95 -11.42
C GLU G 151 -13.55 -22.78 -11.05
C GLU G 151 -13.50 -22.69 -11.06
N GLN G 152 -13.74 -22.43 -9.77
CA GLN G 152 -15.09 -22.19 -9.21
C GLN G 152 -15.75 -20.96 -9.86
N LEU G 153 -14.96 -19.91 -10.10
CA LEU G 153 -15.46 -18.69 -10.79
C LEU G 153 -15.94 -19.09 -12.19
N LEU G 154 -15.12 -19.83 -12.93
CA LEU G 154 -15.48 -20.25 -14.32
C LEU G 154 -16.76 -21.09 -14.30
N ALA G 155 -16.87 -22.03 -13.35
CA ALA G 155 -18.08 -22.89 -13.19
C ALA G 155 -19.28 -21.99 -12.83
N ALA G 156 -19.11 -20.96 -12.01
CA ALA G 156 -20.24 -20.05 -11.67
C ALA G 156 -20.65 -19.24 -12.92
N ARG G 157 -19.71 -18.80 -13.75
CA ARG G 157 -20.06 -18.09 -15.01
C ARG G 157 -20.80 -19.03 -15.99
N LYS G 158 -20.46 -20.31 -16.08
CA LYS G 158 -21.09 -21.22 -17.09
C LYS G 158 -22.55 -21.51 -16.67
N GLU G 159 -22.86 -21.50 -15.38
CA GLU G 159 -24.19 -21.91 -14.82
C GLU G 159 -25.30 -20.95 -15.31
N THR H 1 -15.92 -18.21 4.11
CA THR H 1 -15.93 -17.57 5.43
C THR H 1 -15.26 -18.50 6.44
N VAL H 2 -14.58 -17.91 7.43
CA VAL H 2 -13.95 -18.62 8.58
C VAL H 2 -14.32 -17.85 9.85
N GLY H 3 -14.20 -18.49 11.00
CA GLY H 3 -14.50 -17.79 12.26
C GLY H 3 -14.04 -18.57 13.45
N ALA H 4 -14.04 -17.89 14.60
CA ALA H 4 -13.66 -18.51 15.87
C ALA H 4 -14.43 -17.79 16.96
N VAL H 5 -14.72 -18.56 18.02
CA VAL H 5 -15.37 -18.06 19.25
C VAL H 5 -14.61 -18.73 20.38
N ALA H 6 -14.46 -18.04 21.49
CA ALA H 6 -13.71 -18.61 22.63
C ALA H 6 -14.24 -18.02 23.91
N LEU H 7 -14.13 -18.84 24.96
CA LEU H 7 -14.27 -18.44 26.38
C LEU H 7 -12.93 -18.74 27.08
N ASP H 8 -12.32 -17.74 27.69
CA ASP H 8 -10.97 -17.84 28.31
C ASP H 8 -11.11 -18.17 29.81
N LEU H 9 -9.99 -18.24 30.51
CA LEU H 9 -9.98 -18.72 31.92
C LEU H 9 -10.55 -17.63 32.84
N ASP H 10 -10.72 -16.40 32.34
CA ASP H 10 -11.21 -15.23 33.13
C ASP H 10 -12.70 -14.98 32.91
N GLY H 11 -13.39 -15.92 32.23
CA GLY H 11 -14.79 -15.87 31.80
C GLY H 11 -15.03 -14.89 30.65
N ASN H 12 -14.01 -14.44 29.92
CA ASN H 12 -14.28 -13.49 28.81
C ASN H 12 -14.63 -14.24 27.53
N LEU H 13 -15.58 -13.68 26.77
CA LEU H 13 -16.02 -14.22 25.47
C LEU H 13 -15.50 -13.30 24.39
N ALA H 14 -15.13 -13.88 23.24
CA ALA H 14 -14.72 -13.13 22.04
C ALA H 14 -15.11 -13.90 20.78
N ALA H 15 -15.32 -13.18 19.66
CA ALA H 15 -15.65 -13.76 18.35
C ALA H 15 -14.90 -13.00 17.27
N ALA H 16 -14.63 -13.69 16.17
CA ALA H 16 -13.96 -13.12 14.98
C ALA H 16 -14.41 -13.93 13.76
N THR H 17 -14.59 -13.22 12.66
CA THR H 17 -15.09 -13.74 11.37
C THR H 17 -14.30 -13.04 10.27
N SER H 18 -13.92 -13.78 9.23
CA SER H 18 -13.18 -13.26 8.06
C SER H 18 -13.69 -13.97 6.81
N THR H 19 -13.77 -13.28 5.68
CA THR H 19 -14.24 -13.90 4.42
C THR H 19 -13.65 -13.21 3.20
N GLY H 20 -13.66 -13.91 2.08
CA GLY H 20 -13.60 -13.30 0.75
C GLY H 20 -14.96 -13.09 0.15
N GLY H 21 -16.05 -13.45 0.81
CA GLY H 21 -17.38 -13.21 0.21
C GLY H 21 -17.84 -14.40 -0.60
N THR H 22 -18.55 -14.16 -1.70
CA THR H 22 -19.14 -15.23 -2.54
C THR H 22 -18.53 -15.18 -3.94
N THR H 23 -18.28 -16.36 -4.51
CA THR H 23 -17.78 -16.50 -5.91
C THR H 23 -18.66 -15.66 -6.84
N ASN H 24 -18.03 -14.81 -7.65
CA ASN H 24 -18.73 -14.01 -8.68
C ASN H 24 -19.51 -12.89 -8.03
N LYS H 25 -19.21 -12.42 -6.82
CA LYS H 25 -19.97 -11.28 -6.23
C LYS H 25 -19.77 -10.00 -7.06
N LEU H 26 -20.81 -9.15 -7.07
CA LEU H 26 -20.68 -7.75 -7.52
C LEU H 26 -19.61 -7.11 -6.68
N PRO H 27 -18.61 -6.47 -7.32
CA PRO H 27 -17.66 -5.68 -6.58
C PRO H 27 -18.43 -4.64 -5.73
N GLY H 28 -18.08 -4.61 -4.45
CA GLY H 28 -18.60 -3.66 -3.45
C GLY H 28 -19.66 -4.27 -2.58
N ARG H 29 -20.08 -5.51 -2.89
CA ARG H 29 -21.07 -6.26 -2.10
C ARG H 29 -20.46 -6.61 -0.73
N VAL H 30 -21.24 -6.38 0.32
CA VAL H 30 -20.85 -6.68 1.74
C VAL H 30 -21.86 -7.67 2.26
N GLY H 31 -21.35 -8.77 2.81
CA GLY H 31 -22.16 -9.80 3.45
C GLY H 31 -22.17 -9.57 4.94
N ASP H 32 -22.52 -10.61 5.70
CA ASP H 32 -22.77 -10.50 7.16
C ASP H 32 -21.45 -10.46 7.93
N SER H 33 -20.36 -10.97 7.37
CA SER H 33 -19.08 -11.21 8.07
C SER H 33 -18.60 -10.01 8.84
N PRO H 34 -18.48 -8.80 8.22
CA PRO H 34 -17.95 -7.68 8.99
C PRO H 34 -19.01 -6.91 9.78
N LEU H 35 -20.28 -7.32 9.76
CA LEU H 35 -21.36 -6.49 10.40
C LEU H 35 -21.64 -7.03 11.80
N VAL H 36 -21.34 -6.21 12.82
CA VAL H 36 -21.59 -6.53 14.24
C VAL H 36 -23.04 -6.93 14.35
N GLY H 37 -23.29 -8.10 14.93
CA GLY H 37 -24.61 -8.68 15.20
C GLY H 37 -25.16 -9.47 14.03
N ALA H 38 -24.58 -9.35 12.84
CA ALA H 38 -25.04 -10.17 11.70
C ALA H 38 -24.17 -11.43 11.64
N GLY H 39 -22.87 -11.25 11.42
CA GLY H 39 -21.88 -12.33 11.18
C GLY H 39 -20.96 -12.55 12.37
N CYS H 40 -20.97 -11.66 13.38
CA CYS H 40 -20.00 -11.67 14.50
C CYS H 40 -20.59 -10.88 15.66
N TYR H 41 -20.56 -11.45 16.88
CA TYR H 41 -21.13 -10.83 18.09
C TYR H 41 -20.49 -11.51 19.30
N ALA H 42 -20.09 -10.73 20.29
CA ALA H 42 -19.68 -11.29 21.60
C ALA H 42 -20.13 -10.35 22.72
N ASN H 43 -20.65 -10.95 23.80
CA ASN H 43 -21.12 -10.23 25.01
C ASN H 43 -20.94 -11.17 26.21
N ASN H 44 -20.17 -10.76 27.21
CA ASN H 44 -19.86 -11.59 28.41
C ASN H 44 -21.17 -12.03 29.09
N ALA H 45 -22.25 -11.21 29.04
CA ALA H 45 -23.53 -11.52 29.72
C ALA H 45 -24.30 -12.62 28.96
N SER H 46 -23.88 -12.98 27.75
CA SER H 46 -24.69 -13.90 26.92
C SER H 46 -23.77 -14.84 26.15
N VAL H 47 -23.30 -14.45 24.96
CA VAL H 47 -22.79 -15.45 23.97
C VAL H 47 -21.73 -14.82 23.03
N ALA H 48 -20.88 -15.65 22.44
CA ALA H 48 -19.99 -15.30 21.31
C ALA H 48 -20.47 -16.11 20.10
N VAL H 49 -20.59 -15.46 18.94
CA VAL H 49 -21.14 -16.10 17.72
C VAL H 49 -20.33 -15.64 16.51
N SER H 50 -20.00 -16.60 15.64
CA SER H 50 -19.45 -16.41 14.27
C SER H 50 -20.34 -17.20 13.31
N CYS H 51 -20.78 -16.55 12.23
CA CYS H 51 -21.71 -17.14 11.25
C CYS H 51 -21.02 -17.40 9.91
N THR H 52 -21.68 -18.18 9.07
CA THR H 52 -21.23 -18.51 7.70
C THR H 52 -22.44 -18.97 6.89
N GLY H 53 -22.49 -18.57 5.62
CA GLY H 53 -23.53 -18.93 4.65
C GLY H 53 -23.97 -17.73 3.80
N THR H 54 -25.24 -17.69 3.40
CA THR H 54 -25.82 -16.67 2.49
C THR H 54 -25.96 -15.36 3.27
N GLY H 55 -24.92 -14.52 3.22
CA GLY H 55 -24.75 -13.32 4.04
C GLY H 55 -25.96 -12.42 4.11
N GLU H 56 -26.65 -12.21 2.99
CA GLU H 56 -27.83 -11.31 2.91
C GLU H 56 -28.85 -11.64 3.99
N VAL H 57 -29.19 -12.92 4.11
CA VAL H 57 -30.26 -13.37 5.03
C VAL H 57 -29.77 -13.18 6.47
N PHE H 58 -28.48 -13.40 6.72
CA PHE H 58 -27.88 -13.27 8.08
C PHE H 58 -27.96 -11.81 8.51
N ILE H 59 -27.83 -10.87 7.57
CA ILE H 59 -27.98 -9.42 7.82
C ILE H 59 -29.44 -9.14 8.18
N ARG H 60 -30.38 -9.63 7.36
CA ARG H 60 -31.81 -9.24 7.45
C ARG H 60 -32.38 -9.74 8.78
N ALA H 61 -31.87 -10.86 9.30
CA ALA H 61 -32.29 -11.54 10.55
C ALA H 61 -31.36 -11.24 11.74
N LEU H 62 -30.31 -10.44 11.56
CA LEU H 62 -29.29 -10.14 12.62
C LEU H 62 -29.01 -11.44 13.36
N ALA H 63 -28.67 -12.49 12.62
CA ALA H 63 -28.61 -13.86 13.15
C ALA H 63 -27.77 -13.91 14.44
N ALA H 64 -26.56 -13.34 14.48
CA ALA H 64 -25.63 -13.46 15.61
C ALA H 64 -26.20 -12.74 16.84
N TYR H 65 -26.69 -11.51 16.74
CA TYR H 65 -27.31 -10.81 17.90
C TYR H 65 -28.61 -11.52 18.31
N ASP H 66 -29.30 -12.12 17.35
CA ASP H 66 -30.60 -12.79 17.58
C ASP H 66 -30.37 -13.93 18.58
N ILE H 67 -29.27 -14.68 18.45
CA ILE H 67 -28.88 -15.73 19.44
C ILE H 67 -28.83 -15.09 20.84
N ALA H 68 -28.02 -14.04 21.02
CA ALA H 68 -27.89 -13.31 22.30
C ALA H 68 -29.26 -12.82 22.82
N ALA H 69 -30.11 -12.25 21.96
CA ALA H 69 -31.40 -11.63 22.36
C ALA H 69 -32.39 -12.71 22.80
N LEU H 70 -32.49 -13.81 22.03
CA LEU H 70 -33.31 -14.98 22.39
C LEU H 70 -32.92 -15.51 23.77
N MET H 71 -31.64 -15.57 24.11
CA MET H 71 -31.17 -16.11 25.41
C MET H 71 -31.36 -15.05 26.50
N ASP H 72 -30.82 -13.85 26.29
CA ASP H 72 -30.78 -12.76 27.30
C ASP H 72 -32.22 -12.33 27.65
N TYR H 73 -33.08 -12.16 26.63
CA TYR H 73 -34.47 -11.64 26.81
C TYR H 73 -35.52 -12.77 26.79
N GLY H 74 -35.30 -13.83 26.01
CA GLY H 74 -36.28 -14.90 25.79
C GLY H 74 -36.10 -16.06 26.75
N GLY H 75 -34.97 -16.08 27.49
CA GLY H 75 -34.62 -17.15 28.45
C GLY H 75 -34.28 -18.46 27.76
N LEU H 76 -34.30 -18.51 26.41
CA LEU H 76 -33.91 -19.73 25.65
C LEU H 76 -32.49 -20.12 26.04
N SER H 77 -32.19 -21.40 25.99
CA SER H 77 -30.82 -21.96 26.17
C SER H 77 -30.05 -21.72 24.86
N LEU H 78 -28.74 -21.98 24.87
CA LEU H 78 -27.89 -21.93 23.66
C LEU H 78 -28.48 -22.84 22.57
N ALA H 79 -28.71 -24.12 22.90
CA ALA H 79 -29.21 -25.17 21.97
C ALA H 79 -30.57 -24.74 21.38
N GLU H 80 -31.45 -24.15 22.19
CA GLU H 80 -32.80 -23.75 21.75
C GLU H 80 -32.67 -22.54 20.81
N ALA H 81 -31.85 -21.57 21.22
CA ALA H 81 -31.59 -20.34 20.43
C ALA H 81 -30.99 -20.74 19.08
N CYS H 82 -30.04 -21.67 19.06
CA CYS H 82 -29.35 -22.10 17.81
C CYS H 82 -30.36 -22.79 16.91
N GLU H 83 -31.18 -23.66 17.49
CA GLU H 83 -32.26 -24.37 16.78
C GLU H 83 -33.21 -23.36 16.11
N ARG H 84 -33.71 -22.37 16.86
CA ARG H 84 -34.73 -21.41 16.34
C ARG H 84 -34.11 -20.60 15.18
N VAL H 85 -32.88 -20.10 15.34
CA VAL H 85 -32.25 -19.20 14.34
C VAL H 85 -31.87 -19.99 13.09
N VAL H 86 -31.07 -21.06 13.22
CA VAL H 86 -30.44 -21.76 12.06
C VAL H 86 -31.44 -22.69 11.37
N MET H 87 -32.25 -23.42 12.14
CA MET H 87 -33.15 -24.48 11.62
C MET H 87 -34.52 -23.92 11.23
N GLU H 88 -34.96 -22.79 11.80
CA GLU H 88 -36.32 -22.23 11.57
C GLU H 88 -36.24 -20.87 10.87
N LYS H 89 -35.76 -19.83 11.55
CA LYS H 89 -35.90 -18.41 11.09
C LYS H 89 -35.11 -18.21 9.80
N LEU H 90 -33.87 -18.72 9.70
CA LEU H 90 -33.01 -18.45 8.52
C LEU H 90 -33.60 -19.14 7.28
N PRO H 91 -33.89 -20.47 7.31
CA PRO H 91 -34.47 -21.15 6.15
C PRO H 91 -35.80 -20.52 5.67
N ALA H 92 -36.61 -19.99 6.60
CA ALA H 92 -37.88 -19.26 6.34
C ALA H 92 -37.62 -18.02 5.48
N LEU H 93 -36.42 -17.42 5.55
CA LEU H 93 -36.08 -16.19 4.77
C LEU H 93 -35.26 -16.56 3.53
N GLY H 94 -35.08 -17.85 3.27
CA GLY H 94 -34.33 -18.35 2.11
C GLY H 94 -32.86 -18.52 2.42
N GLY H 95 -32.51 -18.65 3.71
CA GLY H 95 -31.12 -18.59 4.17
C GLY H 95 -30.52 -19.95 4.46
N SER H 96 -29.30 -20.20 3.99
CA SER H 96 -28.55 -21.46 4.27
C SER H 96 -27.17 -21.15 4.85
N GLY H 97 -26.77 -21.97 5.81
CA GLY H 97 -25.42 -21.94 6.42
C GLY H 97 -25.47 -22.38 7.87
N GLY H 98 -24.59 -21.81 8.67
CA GLY H 98 -24.28 -22.30 10.02
C GLY H 98 -23.75 -21.20 10.91
N LEU H 99 -23.47 -21.56 12.14
CA LEU H 99 -22.69 -20.69 13.03
C LEU H 99 -22.08 -21.51 14.15
N ILE H 100 -21.14 -20.88 14.85
CA ILE H 100 -20.50 -21.45 16.05
C ILE H 100 -20.83 -20.48 17.16
N ALA H 101 -21.07 -21.00 18.36
CA ALA H 101 -21.54 -20.20 19.50
C ALA H 101 -21.01 -20.81 20.78
N ILE H 102 -20.60 -19.97 21.72
CA ILE H 102 -20.22 -20.35 23.10
C ILE H 102 -20.95 -19.39 24.04
N ASP H 103 -21.63 -19.90 25.08
CA ASP H 103 -22.33 -19.01 26.05
C ASP H 103 -21.43 -18.82 27.28
N HIS H 104 -21.86 -17.95 28.19
CA HIS H 104 -21.04 -17.51 29.35
C HIS H 104 -20.79 -18.68 30.30
N GLU H 105 -21.57 -19.77 30.19
CA GLU H 105 -21.40 -21.02 30.99
C GLU H 105 -20.41 -21.98 30.32
N GLY H 106 -19.99 -21.73 29.08
CA GLY H 106 -19.03 -22.63 28.37
C GLY H 106 -19.71 -23.77 27.59
N ASN H 107 -21.03 -23.61 27.37
CA ASN H 107 -21.79 -24.45 26.38
C ASN H 107 -21.31 -24.03 24.99
N VAL H 108 -21.09 -25.03 24.12
CA VAL H 108 -20.69 -24.83 22.71
CA VAL H 108 -20.67 -24.86 22.70
C VAL H 108 -21.76 -25.43 21.81
N ALA H 109 -22.06 -24.75 20.69
CA ALA H 109 -23.02 -25.23 19.67
C ALA H 109 -22.49 -24.88 18.28
N LEU H 110 -22.67 -25.79 17.33
CA LEU H 110 -22.17 -25.68 15.94
C LEU H 110 -23.27 -26.05 14.98
N PRO H 111 -24.44 -25.38 15.03
CA PRO H 111 -25.54 -25.71 14.13
C PRO H 111 -25.26 -25.31 12.67
N PHE H 112 -25.82 -26.07 11.75
CA PHE H 112 -25.83 -25.72 10.31
C PHE H 112 -26.95 -26.51 9.61
N ASN H 113 -27.58 -25.89 8.62
CA ASN H 113 -28.73 -26.46 7.90
C ASN H 113 -28.26 -26.91 6.52
N THR H 114 -26.95 -26.92 6.30
CA THR H 114 -26.33 -27.27 4.99
C THR H 114 -25.82 -28.71 5.09
N GLU H 115 -25.34 -29.25 3.98
CA GLU H 115 -24.73 -30.60 3.87
C GLU H 115 -23.46 -30.68 4.73
N GLY H 116 -22.71 -29.58 4.79
CA GLY H 116 -21.41 -29.53 5.49
C GLY H 116 -21.13 -28.16 6.11
N MET H 117 -20.34 -28.16 7.17
CA MET H 117 -19.64 -26.97 7.69
C MET H 117 -18.31 -27.46 8.25
N TYR H 118 -17.22 -26.96 7.69
CA TYR H 118 -15.87 -27.20 8.23
C TYR H 118 -15.87 -26.64 9.65
N ARG H 119 -15.63 -27.49 10.67
CA ARG H 119 -15.72 -27.03 12.07
C ARG H 119 -14.79 -27.85 12.96
N ALA H 120 -14.52 -27.27 14.14
CA ALA H 120 -13.77 -27.94 15.21
C ALA H 120 -14.02 -27.20 16.52
N TRP H 121 -13.83 -27.92 17.62
CA TRP H 121 -14.05 -27.38 18.98
C TRP H 121 -13.26 -28.22 19.97
N GLY H 122 -12.79 -27.61 21.06
CA GLY H 122 -12.18 -28.35 22.19
C GLY H 122 -12.17 -27.51 23.45
N TYR H 123 -12.37 -28.14 24.60
CA TYR H 123 -12.14 -27.54 25.94
C TYR H 123 -10.62 -27.41 26.13
N ALA H 124 -10.22 -26.35 26.83
CA ALA H 124 -8.84 -26.25 27.37
C ALA H 124 -8.57 -27.55 28.15
N GLY H 125 -7.41 -28.17 27.90
CA GLY H 125 -6.92 -29.38 28.60
C GLY H 125 -7.62 -30.67 28.18
N ASP H 126 -8.28 -30.71 27.02
CA ASP H 126 -8.94 -31.94 26.53
C ASP H 126 -8.62 -32.10 25.04
N THR H 127 -9.06 -33.18 24.41
CA THR H 127 -8.78 -33.46 22.98
C THR H 127 -9.87 -32.82 22.11
N PRO H 128 -9.46 -32.20 20.98
CA PRO H 128 -10.40 -31.53 20.09
C PRO H 128 -11.21 -32.51 19.24
N THR H 129 -12.32 -32.02 18.70
CA THR H 129 -13.18 -32.72 17.72
C THR H 129 -13.23 -31.84 16.46
N THR H 130 -13.10 -32.47 15.29
CA THR H 130 -13.20 -31.83 13.96
C THR H 130 -14.37 -32.47 13.22
N GLY H 131 -14.98 -31.78 12.26
CA GLY H 131 -16.05 -32.36 11.46
C GLY H 131 -16.20 -31.65 10.14
N ILE H 132 -16.83 -32.33 9.18
CA ILE H 132 -17.15 -31.78 7.83
C ILE H 132 -18.66 -31.95 7.60
N TYR H 133 -19.17 -33.19 7.64
CA TYR H 133 -20.58 -33.51 7.30
C TYR H 133 -21.42 -33.59 8.58
N ARG H 134 -22.65 -34.11 8.46
CA ARG H 134 -23.60 -34.31 9.57
C ARG H 134 -23.43 -35.72 10.15
#